data_6L1O
#
_entry.id   6L1O
#
_cell.length_a   73.899
_cell.length_b   59.190
_cell.length_c   85.810
_cell.angle_alpha   90.000
_cell.angle_beta   103.390
_cell.angle_gamma   90.000
#
_symmetry.space_group_name_H-M   'P 1 21 1'
#
loop_
_entity.id
_entity.type
_entity.pdbx_description
1 polymer Aminotransferase
2 non-polymer TYROSINE
3 non-polymer "4'-DEOXY-4'-AMINOPYRIDOXAL-5'-PHOSPHATE"
4 non-polymer "PYRIDOXAL-5'-PHOSPHATE"
5 water water
#
_entity_poly.entity_id   1
_entity_poly.type   'polypeptide(L)'
_entity_poly.pdbx_seq_one_letter_code
;MEITPSDVIKTLPRQEFSLVFQKVKEMEKTGAHIINLGQGNPDLPTPPHIVEALREASLNPSFHGYGPFRGYPFLKEAIA
AFYKREYGVTINPETEVALFGGGKAGLYVLTQCLLNPGDIALVPNPGYPEYLSGITMARAELYEMPLYEENGYLPDFEKI
DPAVLEKAKLMFLNYPNNPTGAVADAAFYAKAAAFAKEHNIHLIHDFAYGAFEFDQKPASFLEAEDAKTVGAELYSFSKT
FNMAGWRMAFAVGNEKIIQAVNEFQDHVFVGMFGGLQQAASAALSGDPEHTESLKRIYKERIDFFTALCEKELGWKMEKP
KGTFYVWAEIPNTFETSHQFSDYLLEHAHVVVTPGEIFGSNGKRHVRISMVSKQEDLREFVTRIQKLNLPFGSLQETSR
;
_entity_poly.pdbx_strand_id   B,A
#
# COMPACT_ATOMS: atom_id res chain seq x y z
N MET A 1 26.63 0.23 15.72
CA MET A 1 26.70 -0.26 14.31
C MET A 1 26.06 -1.64 14.16
N GLU A 2 24.88 -1.84 14.75
CA GLU A 2 24.13 -3.10 14.69
C GLU A 2 22.66 -2.84 14.33
N ILE A 3 22.28 -3.19 13.11
CA ILE A 3 20.91 -3.01 12.64
C ILE A 3 20.01 -4.08 13.26
N THR A 4 18.92 -3.66 13.89
CA THR A 4 18.07 -4.54 14.67
C THR A 4 16.62 -4.54 14.14
N PRO A 5 16.28 -5.54 13.31
CA PRO A 5 14.89 -5.66 12.86
C PRO A 5 13.94 -5.77 14.04
N SER A 6 12.75 -5.23 13.91
CA SER A 6 11.74 -5.28 14.93
C SER A 6 11.29 -6.73 15.20
N ASP A 7 10.58 -6.89 16.31
CA ASP A 7 9.98 -8.18 16.69
C ASP A 7 8.92 -8.65 15.67
N VAL A 8 8.18 -7.72 15.08
CA VAL A 8 7.27 -8.08 13.98
C VAL A 8 8.03 -8.79 12.87
N ILE A 9 9.22 -8.29 12.53
CA ILE A 9 9.99 -8.90 11.45
C ILE A 9 10.57 -10.25 11.89
N LYS A 10 11.20 -10.26 13.06
CA LYS A 10 11.83 -11.49 13.61
C LYS A 10 10.86 -12.67 13.71
N THR A 11 9.62 -12.38 14.07
CA THR A 11 8.61 -13.44 14.28
C THR A 11 7.66 -13.59 13.09
N LEU A 12 8.07 -13.16 11.91
CA LEU A 12 7.19 -13.27 10.74
C LEU A 12 6.99 -14.78 10.50
N PRO A 13 5.77 -15.19 10.14
CA PRO A 13 5.59 -16.61 9.77
C PRO A 13 6.29 -16.92 8.43
N ARG A 14 6.45 -18.20 8.11
CA ARG A 14 6.93 -18.60 6.79
C ARG A 14 6.06 -17.98 5.68
N GLN A 15 6.70 -17.39 4.69
CA GLN A 15 6.00 -16.86 3.55
C GLN A 15 6.01 -18.04 2.56
N GLU A 16 4.96 -18.88 2.68
CA GLU A 16 4.90 -20.18 1.99
C GLU A 16 4.99 -20.03 0.46
N PHE A 17 4.30 -19.02 -0.06
CA PHE A 17 4.28 -18.84 -1.51
C PHE A 17 5.63 -18.36 -1.99
N SER A 18 6.21 -17.41 -1.26
CA SER A 18 7.52 -16.88 -1.60
C SER A 18 8.56 -17.99 -1.65
N LEU A 19 8.47 -18.93 -0.72
CA LEU A 19 9.38 -20.05 -0.67
C LEU A 19 9.22 -21.00 -1.88
N VAL A 20 7.98 -21.23 -2.30
CA VAL A 20 7.71 -22.01 -3.54
C VAL A 20 8.27 -21.28 -4.78
N PHE A 21 7.98 -19.99 -4.89
CA PHE A 21 8.38 -19.20 -6.04
C PHE A 21 9.88 -19.16 -6.18
N GLN A 22 10.53 -19.12 -5.01
CA GLN A 22 11.95 -19.08 -4.95
C GLN A 22 12.60 -20.39 -5.53
N LYS A 23 12.04 -21.54 -5.12
CA LYS A 23 12.44 -22.84 -5.71
C LYS A 23 12.28 -22.88 -7.23
N VAL A 24 11.18 -22.30 -7.71
CA VAL A 24 10.87 -22.25 -9.15
C VAL A 24 11.93 -21.37 -9.86
N LYS A 25 12.26 -20.23 -9.25
CA LYS A 25 13.26 -19.33 -9.81
C LYS A 25 14.62 -19.98 -9.84
N GLU A 26 14.94 -20.78 -8.83
CA GLU A 26 16.23 -21.45 -8.78
C GLU A 26 16.31 -22.49 -9.89
N MET A 27 15.22 -23.23 -10.07
CA MET A 27 15.18 -24.19 -11.13
C MET A 27 15.32 -23.50 -12.50
N GLU A 28 14.60 -22.42 -12.72
CA GLU A 28 14.71 -21.66 -13.98
C GLU A 28 16.13 -21.21 -14.23
N LYS A 29 16.88 -20.90 -13.16
CA LYS A 29 18.23 -20.35 -13.28
C LYS A 29 19.18 -21.36 -13.89
N THR A 30 18.88 -22.64 -13.72
CA THR A 30 19.65 -23.73 -14.34
C THR A 30 19.53 -23.75 -15.89
N GLY A 31 18.61 -22.96 -16.43
CA GLY A 31 18.28 -22.97 -17.87
C GLY A 31 17.15 -23.94 -18.24
N ALA A 32 16.48 -24.53 -17.27
CA ALA A 32 15.39 -25.46 -17.55
C ALA A 32 14.16 -24.69 -18.02
N HIS A 33 13.42 -25.24 -18.96
CA HIS A 33 12.18 -24.65 -19.37
C HIS A 33 11.10 -25.25 -18.47
N ILE A 34 10.31 -24.41 -17.83
CA ILE A 34 9.35 -24.86 -16.80
C ILE A 34 7.92 -24.53 -17.21
N ILE A 35 6.99 -25.45 -16.97
CA ILE A 35 5.55 -25.16 -17.11
C ILE A 35 4.97 -24.92 -15.72
N ASN A 36 4.53 -23.68 -15.49
CA ASN A 36 4.35 -23.19 -14.13
C ASN A 36 2.90 -23.12 -13.81
N LEU A 37 2.40 -24.18 -13.15
CA LEU A 37 0.98 -24.20 -12.76
C LEU A 37 0.84 -24.03 -11.25
N GLY A 38 1.72 -23.26 -10.65
CA GLY A 38 1.76 -22.99 -9.24
C GLY A 38 0.92 -21.78 -8.90
N GLN A 39 1.57 -20.61 -8.81
CA GLN A 39 0.82 -19.36 -8.59
C GLN A 39 -0.42 -19.28 -9.50
N GLY A 40 -1.51 -18.76 -8.97
CA GLY A 40 -2.69 -18.53 -9.74
C GLY A 40 -2.58 -17.24 -10.55
N ASN A 41 -1.69 -17.24 -11.52
CA ASN A 41 -1.35 -16.08 -12.30
C ASN A 41 -2.02 -16.19 -13.68
N PRO A 42 -3.07 -15.42 -13.90
CA PRO A 42 -3.81 -15.47 -15.17
C PRO A 42 -2.88 -15.26 -16.37
N ASP A 43 -2.96 -16.15 -17.36
CA ASP A 43 -2.11 -16.09 -18.53
C ASP A 43 -2.68 -15.20 -19.58
N LEU A 44 -3.99 -14.93 -19.53
CA LEU A 44 -4.63 -14.10 -20.55
C LEU A 44 -4.56 -12.60 -20.19
N PRO A 45 -4.58 -11.72 -21.21
CA PRO A 45 -4.33 -10.31 -20.96
C PRO A 45 -5.52 -9.58 -20.41
N THR A 46 -5.28 -8.42 -19.81
CA THR A 46 -6.34 -7.54 -19.37
C THR A 46 -7.18 -7.13 -20.61
N PRO A 47 -8.51 -7.15 -20.49
CA PRO A 47 -9.35 -6.74 -21.62
C PRO A 47 -9.00 -5.36 -22.11
N PRO A 48 -8.96 -5.18 -23.44
CA PRO A 48 -8.38 -3.98 -23.95
C PRO A 48 -9.16 -2.72 -23.58
N HIS A 49 -10.46 -2.82 -23.25
CA HIS A 49 -11.18 -1.59 -22.89
C HIS A 49 -10.69 -1.02 -21.54
N ILE A 50 -10.26 -1.92 -20.66
CA ILE A 50 -9.71 -1.56 -19.37
C ILE A 50 -8.36 -0.88 -19.54
N VAL A 51 -7.52 -1.45 -20.38
CA VAL A 51 -6.25 -0.83 -20.71
C VAL A 51 -6.41 0.56 -21.34
N GLU A 52 -7.33 0.67 -22.26
CA GLU A 52 -7.60 1.97 -22.90
C GLU A 52 -8.18 3.00 -21.93
N ALA A 53 -8.97 2.55 -20.98
CA ALA A 53 -9.46 3.48 -19.93
C ALA A 53 -8.28 4.05 -19.11
N LEU A 54 -7.33 3.20 -18.70
CA LEU A 54 -6.10 3.66 -18.07
C LEU A 54 -5.35 4.67 -18.93
N ARG A 55 -5.20 4.34 -20.22
CA ARG A 55 -4.39 5.18 -21.09
C ARG A 55 -5.01 6.55 -21.26
N GLU A 56 -6.33 6.61 -21.41
CA GLU A 56 -7.01 7.89 -21.55
C GLU A 56 -6.98 8.66 -20.22
N ALA A 57 -7.32 7.99 -19.12
CA ALA A 57 -7.30 8.58 -17.79
C ALA A 57 -5.96 9.22 -17.40
N SER A 58 -4.86 8.62 -17.81
CA SER A 58 -3.55 9.12 -17.43
C SER A 58 -3.23 10.50 -18.05
N LEU A 59 -3.99 10.87 -19.06
CA LEU A 59 -3.88 12.21 -19.67
C LEU A 59 -4.54 13.30 -18.82
N ASN A 60 -5.33 12.91 -17.83
CA ASN A 60 -6.11 13.83 -17.05
C ASN A 60 -5.27 14.34 -15.85
N PRO A 61 -4.80 15.62 -15.92
CA PRO A 61 -3.92 16.17 -14.89
C PRO A 61 -4.51 16.24 -13.48
N SER A 62 -5.82 16.15 -13.34
CA SER A 62 -6.43 15.91 -12.02
C SER A 62 -5.87 14.66 -11.30
N PHE A 63 -5.57 13.61 -12.03
CA PHE A 63 -5.04 12.39 -11.41
C PHE A 63 -3.54 12.44 -11.19
N HIS A 64 -2.87 13.45 -11.74
CA HIS A 64 -1.44 13.59 -11.54
C HIS A 64 -1.13 14.08 -10.11
N GLY A 65 -2.08 14.79 -9.49
CA GLY A 65 -1.89 15.34 -8.15
C GLY A 65 -2.60 14.52 -7.09
N TYR A 66 -2.51 14.91 -5.84
CA TYR A 66 -3.20 14.17 -4.78
C TYR A 66 -4.69 14.16 -5.02
N GLY A 67 -5.30 13.03 -4.77
CA GLY A 67 -6.77 12.96 -4.82
C GLY A 67 -7.33 12.67 -3.44
N PRO A 68 -8.61 12.27 -3.38
CA PRO A 68 -9.30 11.96 -2.13
C PRO A 68 -8.62 10.80 -1.42
N PHE A 69 -8.45 10.92 -0.12
CA PHE A 69 -7.73 9.90 0.66
C PHE A 69 -8.38 8.54 0.50
N ARG A 70 -9.70 8.50 0.54
CA ARG A 70 -10.43 7.27 0.55
C ARG A 70 -10.95 6.82 -0.85
N GLY A 71 -10.38 7.37 -1.91
CA GLY A 71 -10.78 6.97 -3.25
C GLY A 71 -11.75 7.91 -3.91
N TYR A 72 -11.75 7.94 -5.23
CA TYR A 72 -12.74 8.74 -5.98
C TYR A 72 -14.16 8.17 -5.84
N PRO A 73 -15.13 9.05 -5.61
CA PRO A 73 -16.52 8.63 -5.57
C PRO A 73 -17.02 7.87 -6.82
N PHE A 74 -16.54 8.25 -8.01
CA PHE A 74 -16.96 7.56 -9.23
C PHE A 74 -16.63 6.06 -9.13
N LEU A 75 -15.51 5.71 -8.51
CA LEU A 75 -15.18 4.27 -8.38
C LEU A 75 -16.02 3.58 -7.33
N LYS A 76 -16.24 4.23 -6.18
CA LYS A 76 -17.11 3.68 -5.15
C LYS A 76 -18.54 3.48 -5.66
N GLU A 77 -18.97 4.38 -6.53
CA GLU A 77 -20.29 4.26 -7.12
C GLU A 77 -20.36 3.08 -8.13
N ALA A 78 -19.31 2.90 -8.92
CA ALA A 78 -19.25 1.82 -9.87
C ALA A 78 -19.30 0.50 -9.09
N ILE A 79 -18.65 0.45 -7.93
CA ILE A 79 -18.63 -0.74 -7.08
C ILE A 79 -20.01 -1.04 -6.54
N ALA A 80 -20.71 -0.02 -6.08
CA ALA A 80 -22.07 -0.24 -5.58
C ALA A 80 -22.95 -0.74 -6.75
N ALA A 81 -22.77 -0.18 -7.93
CA ALA A 81 -23.63 -0.50 -9.08
C ALA A 81 -23.36 -1.93 -9.52
N PHE A 82 -22.08 -2.33 -9.43
CA PHE A 82 -21.67 -3.66 -9.79
C PHE A 82 -22.29 -4.68 -8.84
N TYR A 83 -22.26 -4.39 -7.54
CA TYR A 83 -22.81 -5.30 -6.57
C TYR A 83 -24.33 -5.44 -6.72
N LYS A 84 -24.99 -4.33 -7.08
CA LYS A 84 -26.43 -4.41 -7.33
C LYS A 84 -26.72 -5.29 -8.55
N ARG A 85 -25.98 -5.05 -9.63
CA ARG A 85 -26.15 -5.74 -10.89
C ARG A 85 -25.87 -7.24 -10.75
N GLU A 86 -24.74 -7.60 -10.12
CA GLU A 86 -24.28 -8.98 -10.12
C GLU A 86 -24.91 -9.82 -9.04
N TYR A 87 -25.13 -9.23 -7.86
CA TYR A 87 -25.55 -10.02 -6.68
C TYR A 87 -26.87 -9.56 -6.09
N GLY A 88 -27.39 -8.45 -6.59
CA GLY A 88 -28.61 -7.89 -6.06
C GLY A 88 -28.47 -7.27 -4.71
N VAL A 89 -27.25 -6.91 -4.33
CA VAL A 89 -26.94 -6.39 -2.99
C VAL A 89 -26.83 -4.86 -3.02
N THR A 90 -27.53 -4.20 -2.08
CA THR A 90 -27.50 -2.74 -1.99
C THR A 90 -26.32 -2.24 -1.13
N ILE A 91 -25.50 -1.38 -1.71
CA ILE A 91 -24.27 -0.89 -1.05
C ILE A 91 -24.33 0.61 -1.04
N ASN A 92 -24.03 1.20 0.11
CA ASN A 92 -23.87 2.65 0.20
C ASN A 92 -22.44 3.02 -0.19
N PRO A 93 -22.26 3.66 -1.35
CA PRO A 93 -20.92 3.96 -1.82
C PRO A 93 -20.14 4.94 -0.95
N GLU A 94 -20.85 5.79 -0.25
CA GLU A 94 -20.24 6.74 0.66
C GLU A 94 -19.77 6.17 2.00
N THR A 95 -20.40 5.11 2.47
CA THR A 95 -20.03 4.52 3.74
C THR A 95 -19.64 3.02 3.76
N GLU A 96 -19.99 2.25 2.73
CA GLU A 96 -19.80 0.77 2.86
C GLU A 96 -18.77 0.18 1.91
N VAL A 97 -17.89 1.03 1.39
CA VAL A 97 -16.85 0.67 0.41
C VAL A 97 -15.52 1.18 0.85
N ALA A 98 -14.50 0.31 0.82
CA ALA A 98 -13.08 0.71 1.01
C ALA A 98 -12.25 0.13 -0.13
N LEU A 99 -11.25 0.89 -0.62
CA LEU A 99 -10.33 0.44 -1.68
C LEU A 99 -8.97 -0.03 -1.16
N PHE A 100 -8.43 -1.07 -1.76
CA PHE A 100 -7.13 -1.62 -1.37
C PHE A 100 -6.20 -1.79 -2.57
N GLY A 101 -4.90 -1.75 -2.32
CA GLY A 101 -3.93 -2.10 -3.33
C GLY A 101 -3.80 -3.60 -3.47
N GLY A 102 -4.87 -4.26 -3.87
CA GLY A 102 -4.89 -5.73 -4.05
C GLY A 102 -5.46 -6.45 -2.84
N GLY A 103 -6.01 -7.63 -3.04
CA GLY A 103 -6.64 -8.40 -1.95
C GLY A 103 -5.66 -8.76 -0.86
N LYS A 104 -4.41 -8.97 -1.26
CA LYS A 104 -3.37 -9.31 -0.31
C LYS A 104 -3.18 -8.16 0.70
N ALA A 105 -3.20 -6.93 0.25
CA ALA A 105 -3.05 -5.78 1.14
C ALA A 105 -4.32 -5.64 2.01
N GLY A 106 -5.48 -5.89 1.40
CA GLY A 106 -6.75 -5.87 2.11
C GLY A 106 -6.81 -6.82 3.31
N LEU A 107 -6.28 -8.03 3.15
CA LEU A 107 -6.19 -8.98 4.23
C LEU A 107 -5.34 -8.44 5.35
N TYR A 108 -4.17 -7.90 5.02
CA TYR A 108 -3.31 -7.28 6.03
C TYR A 108 -4.06 -6.17 6.81
N VAL A 109 -4.68 -5.27 6.09
CA VAL A 109 -5.30 -4.09 6.70
C VAL A 109 -6.47 -4.51 7.58
N LEU A 110 -7.31 -5.42 7.08
CA LEU A 110 -8.45 -5.92 7.84
C LEU A 110 -8.06 -6.59 9.11
N THR A 111 -6.98 -7.39 9.08
CA THR A 111 -6.52 -8.01 10.30
C THR A 111 -5.97 -7.01 11.27
N GLN A 112 -5.28 -5.98 10.76
CA GLN A 112 -4.76 -4.92 11.61
C GLN A 112 -5.85 -4.09 12.23
N CYS A 113 -6.93 -3.88 11.51
CA CYS A 113 -8.07 -3.08 11.99
C CYS A 113 -8.95 -3.80 12.99
N LEU A 114 -8.95 -5.13 12.97
CA LEU A 114 -9.94 -5.87 13.69
C LEU A 114 -9.36 -6.75 14.81
N LEU A 115 -8.05 -6.96 14.84
CA LEU A 115 -7.45 -7.86 15.83
C LEU A 115 -6.51 -7.17 16.75
N ASN A 116 -6.63 -7.50 18.03
CA ASN A 116 -5.70 -7.09 19.08
C ASN A 116 -4.82 -8.27 19.46
N PRO A 117 -3.67 -8.00 20.00
CA PRO A 117 -2.78 -9.05 20.46
C PRO A 117 -3.56 -9.92 21.41
N GLY A 118 -3.45 -11.22 21.26
CA GLY A 118 -4.25 -12.09 22.10
C GLY A 118 -5.59 -12.43 21.50
N ASP A 119 -6.32 -11.57 20.75
CA ASP A 119 -7.44 -12.16 20.12
C ASP A 119 -7.19 -13.45 19.32
N ILE A 120 -8.29 -14.16 19.14
CA ILE A 120 -8.36 -15.40 18.35
C ILE A 120 -8.96 -15.08 16.98
N ALA A 121 -8.28 -15.54 15.91
CA ALA A 121 -8.81 -15.51 14.55
C ALA A 121 -9.17 -16.93 14.09
N LEU A 122 -10.39 -17.11 13.62
CA LEU A 122 -10.83 -18.40 13.09
C LEU A 122 -10.47 -18.54 11.60
N VAL A 123 -9.64 -19.49 11.27
CA VAL A 123 -9.26 -19.70 9.86
C VAL A 123 -9.49 -21.14 9.35
N PRO A 124 -9.98 -21.27 8.11
CA PRO A 124 -10.23 -22.60 7.50
C PRO A 124 -8.93 -23.41 7.29
N ASN A 125 -9.04 -24.72 7.38
CA ASN A 125 -7.98 -25.66 7.10
C ASN A 125 -8.54 -26.78 6.21
N PRO A 126 -8.20 -26.77 4.93
CA PRO A 126 -7.25 -25.87 4.29
C PRO A 126 -7.74 -24.44 4.08
N GLY A 127 -6.77 -23.53 3.98
CA GLY A 127 -7.06 -22.11 3.76
C GLY A 127 -5.94 -21.39 3.08
N TYR A 128 -6.27 -20.28 2.47
CA TYR A 128 -5.29 -19.41 1.87
C TYR A 128 -4.15 -19.11 2.86
N PRO A 129 -2.89 -19.39 2.51
CA PRO A 129 -1.85 -19.28 3.51
C PRO A 129 -1.57 -17.88 3.98
N GLU A 130 -2.04 -16.88 3.25
CA GLU A 130 -1.70 -15.54 3.59
C GLU A 130 -2.64 -14.95 4.67
N TYR A 131 -3.69 -15.70 5.03
CA TYR A 131 -4.47 -15.31 6.18
C TYR A 131 -3.60 -15.31 7.42
N LEU A 132 -2.61 -16.21 7.48
CA LEU A 132 -1.71 -16.32 8.64
C LEU A 132 -0.79 -15.13 8.85
N SER A 133 -0.47 -14.42 7.78
CA SER A 133 0.49 -13.30 7.88
C SER A 133 -0.04 -12.18 8.71
N GLY A 134 -1.22 -11.69 8.35
CA GLY A 134 -1.82 -10.55 9.05
C GLY A 134 -2.14 -10.90 10.50
N ILE A 135 -2.62 -12.11 10.70
CA ILE A 135 -2.98 -12.60 12.05
C ILE A 135 -1.74 -12.59 12.93
N THR A 136 -0.63 -13.14 12.39
CA THR A 136 0.59 -13.27 13.11
C THR A 136 1.22 -11.91 13.38
N MET A 137 1.13 -11.01 12.39
CA MET A 137 1.63 -9.68 12.53
C MET A 137 0.86 -8.89 13.56
N ALA A 138 -0.43 -9.19 13.72
CA ALA A 138 -1.25 -8.55 14.76
C ALA A 138 -1.04 -9.18 16.15
N ARG A 139 -0.21 -10.21 16.21
CA ARG A 139 0.03 -11.04 17.42
C ARG A 139 -1.25 -11.72 17.91
N ALA A 140 -2.13 -12.10 17.00
CA ALA A 140 -3.34 -12.75 17.35
C ALA A 140 -3.05 -14.26 17.33
N GLU A 141 -4.02 -15.04 17.73
CA GLU A 141 -3.84 -16.49 17.82
C GLU A 141 -4.73 -17.15 16.78
N LEU A 142 -4.24 -18.22 16.21
CA LEU A 142 -4.97 -18.90 15.17
C LEU A 142 -5.75 -20.12 15.73
N TYR A 143 -6.96 -20.31 15.23
CA TYR A 143 -7.76 -21.47 15.59
C TYR A 143 -8.41 -21.99 14.33
N GLU A 144 -8.22 -23.27 14.04
CA GLU A 144 -8.58 -23.82 12.75
C GLU A 144 -9.99 -24.27 12.72
N MET A 145 -10.64 -24.05 11.58
CA MET A 145 -11.93 -24.70 11.27
C MET A 145 -11.71 -25.71 10.14
N PRO A 146 -11.74 -27.03 10.47
CA PRO A 146 -11.41 -27.99 9.41
C PRO A 146 -12.44 -28.00 8.32
N LEU A 147 -11.96 -28.01 7.06
CA LEU A 147 -12.86 -28.15 5.92
C LEU A 147 -12.69 -29.59 5.46
N TYR A 148 -13.77 -30.37 5.56
CA TYR A 148 -13.73 -31.77 5.16
C TYR A 148 -14.52 -32.00 3.90
N GLU A 149 -13.99 -32.86 3.05
CA GLU A 149 -14.62 -33.19 1.77
C GLU A 149 -16.06 -33.68 1.94
N GLU A 150 -16.28 -34.50 2.95
CA GLU A 150 -17.62 -35.03 3.20
C GLU A 150 -18.62 -33.94 3.62
N ASN A 151 -18.11 -32.83 4.16
CA ASN A 151 -18.95 -31.65 4.44
C ASN A 151 -19.03 -30.63 3.28
N GLY A 152 -18.52 -31.01 2.13
CA GLY A 152 -18.49 -30.09 1.02
C GLY A 152 -17.49 -28.96 1.22
N TYR A 153 -16.49 -29.24 2.02
CA TYR A 153 -15.47 -28.29 2.47
C TYR A 153 -16.09 -27.01 3.07
N LEU A 154 -17.26 -27.15 3.69
CA LEU A 154 -17.81 -26.09 4.49
C LEU A 154 -17.51 -26.40 5.97
N PRO A 155 -17.25 -25.36 6.78
CA PRO A 155 -16.88 -25.63 8.18
C PRO A 155 -18.15 -25.90 8.99
N ASP A 156 -18.03 -26.71 10.05
CA ASP A 156 -19.14 -26.96 10.95
C ASP A 156 -18.91 -26.09 12.18
N PHE A 157 -19.68 -25.01 12.28
CA PHE A 157 -19.45 -23.97 13.33
C PHE A 157 -19.78 -24.52 14.70
N GLU A 158 -20.65 -25.51 14.74
CA GLU A 158 -21.07 -26.12 16.01
C GLU A 158 -20.00 -27.01 16.59
N LYS A 159 -19.00 -27.40 15.80
CA LYS A 159 -17.85 -28.14 16.34
C LYS A 159 -16.73 -27.26 16.89
N ILE A 160 -16.84 -25.94 16.81
CA ILE A 160 -15.80 -25.08 17.40
C ILE A 160 -15.97 -25.14 18.92
N ASP A 161 -14.85 -25.26 19.63
CA ASP A 161 -14.83 -25.21 21.07
C ASP A 161 -15.46 -23.89 21.56
N PRO A 162 -16.56 -23.98 22.34
CA PRO A 162 -17.25 -22.79 22.86
C PRO A 162 -16.33 -21.89 23.72
N ALA A 163 -15.32 -22.47 24.36
CA ALA A 163 -14.35 -21.75 25.15
C ALA A 163 -13.64 -20.64 24.36
N VAL A 164 -13.38 -20.89 23.07
CA VAL A 164 -12.62 -19.95 22.24
C VAL A 164 -13.51 -18.87 21.67
N LEU A 165 -14.83 -19.09 21.65
CA LEU A 165 -15.74 -18.16 21.01
C LEU A 165 -15.75 -16.82 21.72
N GLU A 166 -15.28 -16.79 22.97
CA GLU A 166 -15.19 -15.53 23.70
C GLU A 166 -14.09 -14.67 23.13
N LYS A 167 -12.92 -15.27 22.95
CA LYS A 167 -11.74 -14.54 22.50
C LYS A 167 -11.71 -14.36 20.97
N ALA A 168 -12.54 -15.14 20.27
CA ALA A 168 -12.58 -15.06 18.79
C ALA A 168 -13.16 -13.75 18.28
N LYS A 169 -12.34 -12.94 17.58
CA LYS A 169 -12.76 -11.67 17.05
C LYS A 169 -12.92 -11.65 15.54
N LEU A 170 -12.33 -12.61 14.85
CA LEU A 170 -12.31 -12.57 13.40
C LEU A 170 -12.44 -13.98 12.83
N MET A 171 -13.16 -14.08 11.73
CA MET A 171 -13.24 -15.34 10.99
C MET A 171 -13.09 -15.04 9.50
N PHE A 172 -12.20 -15.81 8.85
CA PHE A 172 -12.11 -15.84 7.42
C PHE A 172 -12.91 -16.96 6.83
N LEU A 173 -13.65 -16.68 5.75
CA LEU A 173 -14.24 -17.72 4.89
C LEU A 173 -13.93 -17.39 3.40
N ASN A 174 -13.92 -18.40 2.52
CA ASN A 174 -13.50 -18.18 1.15
C ASN A 174 -14.19 -19.18 0.21
N TYR A 175 -15.19 -18.70 -0.48
CA TYR A 175 -15.92 -19.47 -1.49
C TYR A 175 -16.21 -18.57 -2.68
N PRO A 176 -15.98 -19.04 -3.92
CA PRO A 176 -15.37 -20.32 -4.33
C PRO A 176 -14.00 -20.45 -3.71
N ASN A 177 -13.65 -21.68 -3.32
CA ASN A 177 -12.54 -21.87 -2.42
C ASN A 177 -11.16 -22.17 -3.02
N ASN A 178 -10.15 -21.43 -2.56
CA ASN A 178 -8.73 -21.70 -2.78
C ASN A 178 -8.18 -22.42 -1.56
N PRO A 179 -7.82 -23.71 -1.69
CA PRO A 179 -7.50 -24.41 -2.91
C PRO A 179 -8.50 -25.44 -3.39
N THR A 180 -9.62 -25.68 -2.69
CA THR A 180 -10.35 -26.95 -2.94
C THR A 180 -11.39 -26.85 -4.05
N GLY A 181 -11.71 -25.61 -4.50
CA GLY A 181 -12.74 -25.39 -5.46
C GLY A 181 -14.17 -25.54 -5.00
N ALA A 182 -14.35 -25.76 -3.70
CA ALA A 182 -15.66 -25.82 -3.09
C ALA A 182 -16.44 -24.52 -3.25
N VAL A 183 -17.76 -24.62 -3.23
CA VAL A 183 -18.60 -23.44 -3.34
C VAL A 183 -19.60 -23.39 -2.19
N ALA A 184 -20.19 -22.23 -1.98
CA ALA A 184 -21.17 -22.09 -0.89
C ALA A 184 -22.39 -21.32 -1.38
N ASP A 185 -23.48 -21.45 -0.65
CA ASP A 185 -24.74 -20.83 -1.05
C ASP A 185 -25.30 -19.91 0.01
N ALA A 186 -26.40 -19.24 -0.36
CA ALA A 186 -27.08 -18.30 0.52
C ALA A 186 -27.36 -18.86 1.92
N ALA A 187 -27.78 -20.11 1.99
CA ALA A 187 -28.10 -20.73 3.27
C ALA A 187 -26.87 -20.85 4.17
N PHE A 188 -25.73 -21.16 3.59
CA PHE A 188 -24.54 -21.26 4.37
C PHE A 188 -24.12 -19.86 4.87
N TYR A 189 -24.15 -18.87 4.00
CA TYR A 189 -23.80 -17.50 4.41
C TYR A 189 -24.74 -17.01 5.52
N ALA A 190 -26.01 -17.36 5.44
CA ALA A 190 -26.97 -16.97 6.51
C ALA A 190 -26.59 -17.69 7.79
N LYS A 191 -26.24 -18.95 7.67
CA LYS A 191 -25.84 -19.71 8.82
C LYS A 191 -24.58 -19.13 9.49
N ALA A 192 -23.60 -18.74 8.67
CA ALA A 192 -22.38 -18.17 9.17
C ALA A 192 -22.59 -16.81 9.83
N ALA A 193 -23.44 -15.99 9.21
CA ALA A 193 -23.75 -14.68 9.73
C ALA A 193 -24.47 -14.76 11.10
N ALA A 194 -25.35 -15.73 11.25
CA ALA A 194 -26.05 -15.94 12.51
C ALA A 194 -25.08 -16.41 13.57
N PHE A 195 -24.16 -17.28 13.20
CA PHE A 195 -23.15 -17.71 14.12
C PHE A 195 -22.26 -16.55 14.57
N ALA A 196 -21.82 -15.72 13.63
CA ALA A 196 -20.95 -14.59 13.97
C ALA A 196 -21.64 -13.59 14.87
N LYS A 197 -22.90 -13.35 14.55
CA LYS A 197 -23.72 -12.38 15.28
C LYS A 197 -23.87 -12.83 16.75
N GLU A 198 -24.11 -14.12 16.94
CA GLU A 198 -24.30 -14.72 18.26
C GLU A 198 -23.05 -14.65 19.15
N HIS A 199 -21.89 -14.79 18.57
CA HIS A 199 -20.64 -14.81 19.36
C HIS A 199 -19.74 -13.58 19.15
N ASN A 200 -20.27 -12.58 18.46
CA ASN A 200 -19.57 -11.30 18.22
C ASN A 200 -18.24 -11.52 17.51
N ILE A 201 -18.33 -12.13 16.34
CA ILE A 201 -17.15 -12.38 15.51
C ILE A 201 -17.32 -11.53 14.27
N HIS A 202 -16.29 -10.74 13.93
CA HIS A 202 -16.25 -10.06 12.66
C HIS A 202 -15.97 -11.11 11.54
N LEU A 203 -16.82 -11.15 10.54
CA LEU A 203 -16.68 -12.08 9.43
C LEU A 203 -16.16 -11.45 8.12
N ILE A 204 -15.02 -11.93 7.64
CA ILE A 204 -14.45 -11.46 6.40
C ILE A 204 -14.61 -12.54 5.35
N HIS A 205 -15.46 -12.33 4.36
CA HIS A 205 -15.54 -13.27 3.27
C HIS A 205 -14.59 -12.88 2.10
N ASP A 206 -13.68 -13.80 1.80
CA ASP A 206 -12.78 -13.65 0.63
C ASP A 206 -13.47 -14.16 -0.63
N PHE A 207 -13.81 -13.26 -1.54
CA PHE A 207 -14.59 -13.53 -2.70
C PHE A 207 -13.77 -13.33 -3.95
N ALA A 208 -12.47 -13.63 -3.86
CA ALA A 208 -11.58 -13.47 -5.01
C ALA A 208 -11.99 -14.24 -6.24
N TYR A 209 -12.72 -15.36 -6.06
CA TYR A 209 -13.14 -16.21 -7.20
C TYR A 209 -14.62 -16.13 -7.44
N GLY A 210 -15.21 -14.99 -7.08
CA GLY A 210 -16.61 -14.79 -7.19
C GLY A 210 -17.18 -14.74 -8.59
N ALA A 211 -16.32 -14.64 -9.60
CA ALA A 211 -16.75 -14.72 -10.97
C ALA A 211 -16.73 -16.13 -11.51
N PHE A 212 -16.19 -17.08 -10.76
CA PHE A 212 -15.94 -18.41 -11.30
C PHE A 212 -16.61 -19.53 -10.50
N GLU A 213 -17.93 -19.61 -10.61
CA GLU A 213 -18.67 -20.80 -10.16
C GLU A 213 -19.33 -21.32 -11.41
N PHE A 214 -19.11 -22.59 -11.70
CA PHE A 214 -19.46 -23.07 -13.02
C PHE A 214 -20.96 -23.40 -13.22
N ASP A 215 -21.61 -24.04 -12.24
CA ASP A 215 -23.01 -24.49 -12.34
C ASP A 215 -24.01 -23.44 -11.88
N GLN A 216 -24.01 -23.16 -10.57
CA GLN A 216 -24.94 -22.19 -9.99
C GLN A 216 -24.43 -20.78 -10.22
N LYS A 217 -25.35 -19.82 -10.13
CA LYS A 217 -24.97 -18.39 -10.05
C LYS A 217 -24.30 -18.12 -8.70
N PRO A 218 -23.04 -17.58 -8.70
CA PRO A 218 -22.29 -17.42 -7.42
C PRO A 218 -22.99 -16.44 -6.46
N ALA A 219 -23.04 -16.81 -5.20
CA ALA A 219 -23.68 -15.97 -4.21
C ALA A 219 -22.64 -15.18 -3.45
N SER A 220 -22.89 -13.89 -3.27
CA SER A 220 -22.12 -13.05 -2.40
C SER A 220 -22.52 -13.34 -0.98
N PHE A 221 -21.56 -13.22 -0.07
CA PHE A 221 -21.83 -13.28 1.36
C PHE A 221 -22.85 -12.22 1.80
N LEU A 222 -22.79 -11.06 1.16
CA LEU A 222 -23.73 -9.98 1.52
C LEU A 222 -25.19 -10.18 1.06
N GLU A 223 -25.46 -11.25 0.30
CA GLU A 223 -26.87 -11.62 0.04
C GLU A 223 -27.60 -12.10 1.30
N ALA A 224 -26.86 -12.61 2.28
CA ALA A 224 -27.42 -12.99 3.57
C ALA A 224 -27.88 -11.77 4.45
N GLU A 225 -29.01 -11.93 5.14
CA GLU A 225 -29.66 -10.81 5.86
C GLU A 225 -28.79 -10.19 6.97
N ASP A 226 -28.11 -11.01 7.74
CA ASP A 226 -27.27 -10.54 8.83
C ASP A 226 -25.81 -10.26 8.43
N ALA A 227 -25.50 -10.36 7.15
CA ALA A 227 -24.12 -10.30 6.69
C ALA A 227 -23.47 -8.96 6.96
N LYS A 228 -24.13 -7.89 6.53
CA LYS A 228 -23.61 -6.53 6.72
C LYS A 228 -23.62 -6.13 8.17
N THR A 229 -24.29 -6.90 9.04
CA THR A 229 -24.30 -6.63 10.46
C THR A 229 -23.01 -7.07 11.12
N VAL A 230 -22.40 -8.14 10.59
CA VAL A 230 -21.29 -8.79 11.25
C VAL A 230 -19.97 -8.66 10.48
N GLY A 231 -20.02 -8.20 9.23
CA GLY A 231 -18.83 -8.38 8.45
C GLY A 231 -18.76 -7.70 7.12
N ALA A 232 -17.83 -8.19 6.32
CA ALA A 232 -17.51 -7.55 5.06
C ALA A 232 -16.94 -8.57 4.04
N GLU A 233 -17.00 -8.20 2.77
CA GLU A 233 -16.52 -9.06 1.68
C GLU A 233 -15.41 -8.38 0.91
N LEU A 234 -14.34 -9.15 0.63
CA LEU A 234 -13.17 -8.69 -0.07
C LEU A 234 -13.25 -9.09 -1.50
N TYR A 235 -13.24 -8.14 -2.42
CA TYR A 235 -13.36 -8.43 -3.84
C TYR A 235 -12.12 -7.98 -4.54
N SER A 236 -11.51 -8.86 -5.37
CA SER A 236 -10.28 -8.48 -6.12
C SER A 236 -10.54 -8.33 -7.58
N PHE A 237 -9.83 -7.41 -8.22
CA PHE A 237 -9.84 -7.32 -9.66
C PHE A 237 -8.93 -8.37 -10.33
N SER A 238 -8.08 -9.01 -9.55
CA SER A 238 -7.02 -9.85 -10.16
C SER A 238 -7.54 -10.98 -11.05
N LYS A 239 -8.47 -11.78 -10.52
CA LYS A 239 -8.90 -13.00 -11.22
C LYS A 239 -10.05 -12.72 -12.18
N THR A 240 -10.99 -11.85 -11.75
CA THR A 240 -12.11 -11.51 -12.56
C THR A 240 -11.75 -10.91 -13.89
N PHE A 241 -10.78 -10.00 -13.88
CA PHE A 241 -10.46 -9.19 -15.02
C PHE A 241 -9.05 -9.35 -15.53
N ASN A 242 -8.36 -10.44 -15.15
CA ASN A 242 -6.96 -10.64 -15.54
C ASN A 242 -6.14 -9.35 -15.23
N MET A 243 -6.31 -8.86 -14.01
CA MET A 243 -5.71 -7.64 -13.56
C MET A 243 -4.77 -7.84 -12.38
N ALA A 244 -4.18 -9.03 -12.31
CA ALA A 244 -3.37 -9.39 -11.18
C ALA A 244 -2.20 -8.39 -10.89
N GLY A 245 -1.50 -7.99 -11.95
CA GLY A 245 -0.41 -7.05 -11.83
C GLY A 245 -0.82 -5.62 -11.51
N TRP A 246 -2.10 -5.32 -11.61
CA TRP A 246 -2.59 -3.93 -11.42
C TRP A 246 -2.74 -3.55 -9.92
N ARG A 247 -2.90 -4.57 -9.09
CA ARG A 247 -3.02 -4.46 -7.62
C ARG A 247 -4.24 -3.62 -7.17
N MET A 248 -5.43 -4.11 -7.45
CA MET A 248 -6.64 -3.43 -7.08
C MET A 248 -7.69 -4.36 -6.49
N ALA A 249 -8.33 -3.91 -5.42
CA ALA A 249 -9.31 -4.70 -4.69
C ALA A 249 -10.17 -3.76 -3.88
N PHE A 250 -11.25 -4.29 -3.29
CA PHE A 250 -12.06 -3.45 -2.43
C PHE A 250 -12.76 -4.32 -1.41
N ALA A 251 -13.17 -3.70 -0.31
CA ALA A 251 -14.06 -4.35 0.64
C ALA A 251 -15.41 -3.64 0.61
N VAL A 252 -16.48 -4.42 0.71
CA VAL A 252 -17.84 -3.88 0.84
C VAL A 252 -18.43 -4.54 2.08
N GLY A 253 -19.17 -3.77 2.87
CA GLY A 253 -19.85 -4.33 4.04
C GLY A 253 -20.14 -3.34 5.17
N ASN A 254 -20.10 -3.85 6.38
CA ASN A 254 -20.46 -3.13 7.55
C ASN A 254 -19.77 -1.78 7.65
N GLU A 255 -20.56 -0.72 7.83
CA GLU A 255 -20.01 0.62 7.79
C GLU A 255 -19.00 0.93 8.87
N LYS A 256 -19.11 0.26 10.02
CA LYS A 256 -18.12 0.46 11.10
C LYS A 256 -16.76 -0.21 10.76
N ILE A 257 -16.79 -1.38 10.13
CA ILE A 257 -15.55 -2.02 9.65
C ILE A 257 -14.90 -1.10 8.65
N ILE A 258 -15.69 -0.65 7.68
CA ILE A 258 -15.19 0.19 6.62
C ILE A 258 -14.64 1.50 7.21
N GLN A 259 -15.28 1.98 8.27
CA GLN A 259 -14.74 3.17 8.96
C GLN A 259 -13.35 2.93 9.58
N ALA A 260 -13.17 1.80 10.25
CA ALA A 260 -11.87 1.46 10.82
C ALA A 260 -10.83 1.34 9.71
N VAL A 261 -11.21 0.72 8.61
CA VAL A 261 -10.26 0.60 7.46
C VAL A 261 -9.86 1.98 6.95
N ASN A 262 -10.85 2.85 6.73
CA ASN A 262 -10.58 4.22 6.27
C ASN A 262 -9.61 4.98 7.17
N GLU A 263 -9.83 4.86 8.45
CA GLU A 263 -9.04 5.61 9.43
C GLU A 263 -7.61 5.09 9.39
N PHE A 264 -7.45 3.76 9.27
CA PHE A 264 -6.12 3.17 9.09
C PHE A 264 -5.46 3.71 7.81
N GLN A 265 -6.14 3.54 6.69
CA GLN A 265 -5.57 3.87 5.41
C GLN A 265 -5.31 5.36 5.23
N ASP A 266 -6.14 6.19 5.87
CA ASP A 266 -5.83 7.62 5.94
C ASP A 266 -4.40 7.93 6.35
N HIS A 267 -3.87 7.16 7.30
CA HIS A 267 -2.52 7.37 7.76
C HIS A 267 -1.42 6.70 6.98
N VAL A 268 -1.74 5.73 6.11
CA VAL A 268 -0.77 4.85 5.54
C VAL A 268 -0.89 4.66 4.03
N PHE A 269 -2.02 4.11 3.59
CA PHE A 269 -2.22 3.60 2.19
C PHE A 269 -3.37 4.41 1.57
N VAL A 270 -3.08 5.61 1.13
CA VAL A 270 -4.10 6.46 0.53
C VAL A 270 -4.43 6.03 -0.90
N GLY A 271 -5.52 6.57 -1.44
CA GLY A 271 -6.02 6.15 -2.76
C GLY A 271 -4.97 6.01 -3.82
N MET A 272 -5.05 4.94 -4.62
CA MET A 272 -4.08 4.74 -5.70
C MET A 272 -4.31 5.76 -6.84
N PHE A 273 -3.37 5.79 -7.76
CA PHE A 273 -3.48 6.59 -8.98
C PHE A 273 -4.86 6.56 -9.60
N GLY A 274 -5.43 7.73 -9.85
CA GLY A 274 -6.75 7.87 -10.35
C GLY A 274 -6.96 7.22 -11.72
N GLY A 275 -5.89 7.08 -12.48
CA GLY A 275 -5.91 6.34 -13.72
C GLY A 275 -6.28 4.91 -13.52
N LEU A 276 -5.71 4.29 -12.48
CA LEU A 276 -6.05 2.91 -12.13
C LEU A 276 -7.48 2.81 -11.67
N GLN A 277 -7.94 3.81 -10.91
CA GLN A 277 -9.31 3.84 -10.46
C GLN A 277 -10.33 3.94 -11.64
N GLN A 278 -10.02 4.76 -12.63
CA GLN A 278 -10.87 4.86 -13.78
C GLN A 278 -10.89 3.54 -14.58
N ALA A 279 -9.73 2.89 -14.70
CA ALA A 279 -9.64 1.62 -15.33
C ALA A 279 -10.50 0.59 -14.63
N ALA A 280 -10.43 0.58 -13.30
CA ALA A 280 -11.19 -0.31 -12.45
C ALA A 280 -12.70 -0.04 -12.61
N SER A 281 -13.08 1.23 -12.70
CA SER A 281 -14.47 1.62 -12.99
C SER A 281 -14.94 1.05 -14.36
N ALA A 282 -14.08 1.11 -15.37
CA ALA A 282 -14.43 0.59 -16.68
C ALA A 282 -14.55 -0.92 -16.63
N ALA A 283 -13.72 -1.57 -15.84
CA ALA A 283 -13.82 -3.00 -15.61
C ALA A 283 -15.22 -3.37 -15.10
N LEU A 284 -15.67 -2.68 -14.07
CA LEU A 284 -16.90 -3.07 -13.41
C LEU A 284 -18.16 -2.77 -14.23
N SER A 285 -18.09 -1.78 -15.07
CA SER A 285 -19.25 -1.34 -15.80
C SER A 285 -19.20 -1.91 -17.20
N GLY A 286 -18.12 -2.62 -17.54
CA GLY A 286 -17.99 -3.26 -18.83
C GLY A 286 -18.96 -4.42 -19.02
N ASP A 287 -19.22 -4.75 -20.26
CA ASP A 287 -20.16 -5.82 -20.56
C ASP A 287 -19.61 -7.13 -19.97
N PRO A 288 -20.41 -7.85 -19.17
CA PRO A 288 -19.91 -9.10 -18.57
C PRO A 288 -19.68 -10.30 -19.54
N GLU A 289 -19.77 -10.07 -20.85
CA GLU A 289 -19.38 -11.05 -21.86
C GLU A 289 -17.97 -11.56 -21.65
N HIS A 290 -17.02 -10.66 -21.43
CA HIS A 290 -15.64 -11.07 -21.39
C HIS A 290 -15.42 -12.00 -20.22
N THR A 291 -16.06 -11.68 -19.10
CA THR A 291 -15.91 -12.51 -17.91
C THR A 291 -16.47 -13.91 -18.12
N GLU A 292 -17.64 -13.97 -18.73
CA GLU A 292 -18.24 -15.26 -19.04
C GLU A 292 -17.38 -16.06 -19.98
N SER A 293 -16.82 -15.43 -21.01
CA SER A 293 -15.85 -16.08 -21.90
C SER A 293 -14.62 -16.59 -21.13
N LEU A 294 -14.19 -15.84 -20.14
CA LEU A 294 -13.04 -16.24 -19.33
C LEU A 294 -13.42 -17.47 -18.52
N LYS A 295 -14.58 -17.43 -17.88
CA LYS A 295 -15.08 -18.58 -17.15
C LYS A 295 -15.16 -19.85 -18.02
N ARG A 296 -15.71 -19.69 -19.21
CA ARG A 296 -15.80 -20.81 -20.19
C ARG A 296 -14.44 -21.42 -20.53
N ILE A 297 -13.44 -20.57 -20.76
CA ILE A 297 -12.07 -21.03 -20.99
C ILE A 297 -11.51 -21.83 -19.83
N TYR A 298 -11.67 -21.34 -18.60
CA TYR A 298 -11.17 -22.10 -17.47
C TYR A 298 -11.89 -23.45 -17.35
N LYS A 299 -13.20 -23.45 -17.63
CA LYS A 299 -13.95 -24.69 -17.57
C LYS A 299 -13.40 -25.72 -18.58
N GLU A 300 -13.12 -25.26 -19.80
CA GLU A 300 -12.70 -26.18 -20.84
C GLU A 300 -11.34 -26.74 -20.46
N ARG A 301 -10.51 -25.91 -19.83
CA ARG A 301 -9.20 -26.33 -19.37
C ARG A 301 -9.26 -27.38 -18.29
N ILE A 302 -10.17 -27.16 -17.32
CA ILE A 302 -10.36 -28.11 -16.23
C ILE A 302 -10.82 -29.47 -16.80
N ASP A 303 -11.83 -29.42 -17.66
CA ASP A 303 -12.38 -30.63 -18.29
C ASP A 303 -11.29 -31.38 -19.03
N PHE A 304 -10.53 -30.65 -19.85
CA PHE A 304 -9.41 -31.24 -20.56
C PHE A 304 -8.38 -31.87 -19.68
N PHE A 305 -7.96 -31.15 -18.65
CA PHE A 305 -6.85 -31.50 -17.86
C PHE A 305 -7.16 -32.75 -17.02
N THR A 306 -8.31 -32.73 -16.36
CA THR A 306 -8.69 -33.85 -15.49
C THR A 306 -8.84 -35.17 -16.27
N ALA A 307 -9.46 -35.09 -17.43
CA ALA A 307 -9.59 -36.25 -18.32
C ALA A 307 -8.23 -36.79 -18.77
N LEU A 308 -7.32 -35.91 -19.16
CA LEU A 308 -6.01 -36.32 -19.65
C LEU A 308 -5.22 -36.97 -18.55
N CYS A 309 -5.25 -36.38 -17.36
CA CYS A 309 -4.53 -36.92 -16.24
C CYS A 309 -5.04 -38.35 -15.92
N GLU A 310 -6.35 -38.54 -16.06
CA GLU A 310 -6.97 -39.83 -15.77
C GLU A 310 -6.50 -40.90 -16.78
N LYS A 311 -6.66 -40.57 -18.03
CA LYS A 311 -6.22 -41.39 -19.13
C LYS A 311 -4.72 -41.75 -19.12
N GLU A 312 -3.85 -40.75 -18.94
CA GLU A 312 -2.42 -40.95 -19.17
C GLU A 312 -1.67 -41.33 -17.94
N LEU A 313 -2.18 -40.92 -16.78
CA LEU A 313 -1.47 -41.17 -15.53
C LEU A 313 -2.18 -42.09 -14.57
N GLY A 314 -3.48 -42.28 -14.77
CA GLY A 314 -4.29 -42.87 -13.74
C GLY A 314 -4.46 -41.96 -12.52
N TRP A 315 -4.26 -40.66 -12.73
CA TRP A 315 -4.42 -39.69 -11.67
C TRP A 315 -5.85 -39.21 -11.69
N LYS A 316 -6.64 -39.69 -10.73
CA LYS A 316 -8.04 -39.32 -10.64
C LYS A 316 -8.15 -38.10 -9.77
N MET A 317 -8.93 -37.15 -10.22
CA MET A 317 -9.12 -35.86 -9.48
C MET A 317 -10.57 -35.46 -9.57
N GLU A 318 -11.10 -34.89 -8.50
CA GLU A 318 -12.43 -34.27 -8.54
C GLU A 318 -12.37 -32.99 -9.40
N LYS A 319 -13.39 -32.72 -10.18
CA LYS A 319 -13.53 -31.45 -10.85
C LYS A 319 -14.00 -30.42 -9.84
N PRO A 320 -13.37 -29.21 -9.84
CA PRO A 320 -13.81 -28.19 -8.87
C PRO A 320 -15.17 -27.61 -9.25
N LYS A 321 -15.91 -27.18 -8.27
CA LYS A 321 -17.18 -26.47 -8.46
C LYS A 321 -16.94 -25.02 -8.83
N GLY A 322 -15.74 -24.52 -8.51
CA GLY A 322 -15.38 -23.14 -8.78
C GLY A 322 -13.88 -22.96 -8.71
N THR A 323 -13.45 -21.74 -9.06
CA THR A 323 -12.02 -21.34 -9.25
C THR A 323 -11.40 -22.00 -10.47
N PHE A 324 -10.12 -21.69 -10.74
CA PHE A 324 -9.40 -22.38 -11.82
C PHE A 324 -8.38 -23.37 -11.27
N TYR A 325 -8.61 -23.86 -10.05
CA TYR A 325 -7.71 -24.76 -9.40
C TYR A 325 -8.22 -26.21 -9.46
N VAL A 326 -7.30 -27.13 -9.59
CA VAL A 326 -7.59 -28.54 -9.27
C VAL A 326 -6.86 -28.94 -8.02
N TRP A 327 -7.53 -29.70 -7.14
CA TRP A 327 -7.02 -30.15 -5.90
C TRP A 327 -6.88 -31.68 -5.98
N ALA A 328 -5.64 -32.15 -5.98
CA ALA A 328 -5.34 -33.53 -6.33
C ALA A 328 -4.46 -34.24 -5.32
N GLU A 329 -4.69 -35.54 -5.12
CA GLU A 329 -4.00 -36.28 -4.12
C GLU A 329 -2.63 -36.83 -4.65
N ILE A 330 -1.63 -36.79 -3.81
CA ILE A 330 -0.28 -37.19 -4.14
C ILE A 330 -0.17 -38.75 -3.97
N PRO A 331 0.79 -39.38 -4.64
CA PRO A 331 0.95 -40.85 -4.50
C PRO A 331 1.34 -41.29 -3.12
N ASN A 332 0.89 -42.51 -2.76
CA ASN A 332 1.21 -43.14 -1.43
C ASN A 332 2.68 -43.30 -1.13
N THR A 333 3.52 -43.28 -2.17
CA THR A 333 4.97 -43.36 -2.01
C THR A 333 5.67 -42.14 -1.52
N PHE A 334 4.96 -41.01 -1.50
CA PHE A 334 5.53 -39.77 -1.07
C PHE A 334 5.16 -39.45 0.38
N GLU A 335 6.16 -39.10 1.19
CA GLU A 335 5.92 -38.70 2.56
C GLU A 335 5.04 -37.43 2.63
N THR A 336 5.50 -36.37 1.96
CA THR A 336 4.86 -35.05 2.08
C THR A 336 4.61 -34.40 0.72
N SER A 337 3.70 -33.42 0.69
CA SER A 337 3.40 -32.70 -0.54
C SER A 337 4.62 -31.87 -1.02
N HIS A 338 5.44 -31.36 -0.09
CA HIS A 338 6.65 -30.65 -0.45
C HIS A 338 7.61 -31.55 -1.25
N GLN A 339 7.79 -32.79 -0.77
CA GLN A 339 8.60 -33.78 -1.42
C GLN A 339 8.06 -34.06 -2.83
N PHE A 340 6.74 -34.17 -2.94
CA PHE A 340 6.13 -34.48 -4.23
C PHE A 340 6.23 -33.33 -5.20
N SER A 341 5.99 -32.09 -4.72
CA SER A 341 6.08 -30.94 -5.60
C SER A 341 7.56 -30.70 -6.01
N ASP A 342 8.48 -30.82 -5.06
CA ASP A 342 9.90 -30.79 -5.39
C ASP A 342 10.28 -31.84 -6.43
N TYR A 343 9.74 -33.04 -6.29
CA TYR A 343 10.05 -34.10 -7.20
C TYR A 343 9.60 -33.78 -8.63
N LEU A 344 8.37 -33.31 -8.79
CA LEU A 344 7.89 -32.88 -10.10
C LEU A 344 8.70 -31.72 -10.65
N LEU A 345 9.14 -30.80 -9.80
CA LEU A 345 9.94 -29.66 -10.31
C LEU A 345 11.29 -30.11 -10.84
N GLU A 346 11.98 -30.88 -10.03
CA GLU A 346 13.32 -31.41 -10.37
C GLU A 346 13.28 -32.33 -11.59
N HIS A 347 12.34 -33.27 -11.65
CA HIS A 347 12.38 -34.34 -12.65
C HIS A 347 11.42 -34.23 -13.80
N ALA A 348 10.40 -33.37 -13.68
CA ALA A 348 9.52 -33.10 -14.79
C ALA A 348 9.52 -31.65 -15.27
N HIS A 349 10.22 -30.77 -14.54
CA HIS A 349 10.25 -29.34 -14.82
C HIS A 349 8.86 -28.70 -14.91
N VAL A 350 7.99 -29.09 -13.99
CA VAL A 350 6.66 -28.51 -13.85
C VAL A 350 6.46 -28.05 -12.41
N VAL A 351 5.61 -27.03 -12.22
CA VAL A 351 5.31 -26.53 -10.92
C VAL A 351 3.88 -26.86 -10.51
N VAL A 352 3.72 -27.44 -9.33
CA VAL A 352 2.42 -27.49 -8.69
C VAL A 352 2.64 -26.88 -7.30
N THR A 353 1.56 -26.61 -6.58
CA THR A 353 1.67 -26.03 -5.28
C THR A 353 1.43 -27.10 -4.21
N PRO A 354 2.40 -27.28 -3.31
CA PRO A 354 2.27 -28.32 -2.27
C PRO A 354 1.11 -27.96 -1.32
N GLY A 355 0.19 -28.89 -1.16
CA GLY A 355 -1.03 -28.69 -0.43
C GLY A 355 -0.84 -28.34 1.02
N GLU A 356 0.29 -28.77 1.62
CA GLU A 356 0.64 -28.49 3.02
C GLU A 356 0.68 -27.00 3.37
N ILE A 357 1.02 -26.15 2.42
CA ILE A 357 1.06 -24.70 2.73
C ILE A 357 -0.33 -24.14 3.02
N PHE A 358 -1.39 -24.89 2.69
CA PHE A 358 -2.76 -24.47 2.96
C PHE A 358 -3.23 -24.97 4.35
N GLY A 359 -2.37 -25.71 5.04
CA GLY A 359 -2.69 -26.37 6.32
C GLY A 359 -2.56 -27.90 6.27
N SER A 360 -2.57 -28.50 7.46
CA SER A 360 -2.42 -29.92 7.65
C SER A 360 -3.41 -30.75 6.87
N ASN A 361 -4.63 -30.23 6.65
CA ASN A 361 -5.57 -30.89 5.77
C ASN A 361 -5.21 -30.86 4.29
N GLY A 362 -4.11 -30.24 3.95
CA GLY A 362 -3.62 -30.35 2.58
C GLY A 362 -2.40 -31.22 2.45
N LYS A 363 -2.06 -31.95 3.52
CA LYS A 363 -0.78 -32.63 3.64
C LYS A 363 -0.52 -33.60 2.52
N ARG A 364 -1.58 -34.16 1.99
CA ARG A 364 -1.49 -35.24 0.98
C ARG A 364 -2.03 -34.79 -0.35
N HIS A 365 -2.07 -33.46 -0.58
CA HIS A 365 -2.61 -32.91 -1.81
C HIS A 365 -1.63 -31.94 -2.48
N VAL A 366 -1.86 -31.68 -3.76
CA VAL A 366 -1.28 -30.48 -4.43
C VAL A 366 -2.38 -29.72 -5.11
N ARG A 367 -2.17 -28.41 -5.27
CA ARG A 367 -3.07 -27.54 -6.03
C ARG A 367 -2.42 -27.27 -7.41
N ILE A 368 -3.20 -27.39 -8.47
CA ILE A 368 -2.71 -27.15 -9.84
C ILE A 368 -3.59 -26.06 -10.50
N SER A 369 -2.98 -24.97 -10.99
CA SER A 369 -3.72 -23.84 -11.52
C SER A 369 -3.84 -23.97 -13.05
N MET A 370 -5.04 -23.86 -13.58
CA MET A 370 -5.32 -24.00 -14.94
C MET A 370 -5.01 -22.67 -15.68
N VAL A 371 -3.76 -22.23 -15.60
CA VAL A 371 -3.35 -20.91 -16.07
C VAL A 371 -2.37 -21.02 -17.23
N SER A 372 -2.61 -22.01 -18.07
CA SER A 372 -1.97 -22.04 -19.37
C SER A 372 -2.91 -22.76 -20.37
N LYS A 373 -2.71 -22.46 -21.63
CA LYS A 373 -3.54 -22.98 -22.66
C LYS A 373 -3.42 -24.52 -22.73
N GLN A 374 -4.38 -25.13 -23.37
CA GLN A 374 -4.51 -26.59 -23.41
C GLN A 374 -3.25 -27.35 -23.83
N GLU A 375 -2.60 -26.87 -24.88
CA GLU A 375 -1.44 -27.60 -25.36
C GLU A 375 -0.22 -27.48 -24.42
N ASP A 376 -0.23 -26.46 -23.54
CA ASP A 376 0.72 -26.40 -22.45
C ASP A 376 0.37 -27.39 -21.34
N LEU A 377 -0.93 -27.56 -21.08
CA LEU A 377 -1.37 -28.49 -20.09
C LEU A 377 -1.10 -29.93 -20.56
N ARG A 378 -1.19 -30.15 -21.85
CA ARG A 378 -0.84 -31.46 -22.43
C ARG A 378 0.62 -31.79 -22.19
N GLU A 379 1.50 -30.81 -22.41
CA GLU A 379 2.92 -31.03 -22.19
C GLU A 379 3.23 -31.23 -20.70
N PHE A 380 2.49 -30.54 -19.82
CA PHE A 380 2.57 -30.82 -18.36
C PHE A 380 2.38 -32.31 -18.08
N VAL A 381 1.34 -32.89 -18.63
CA VAL A 381 1.03 -34.29 -18.42
C VAL A 381 2.07 -35.20 -19.08
N THR A 382 2.49 -34.84 -20.27
CA THR A 382 3.49 -35.66 -20.94
C THR A 382 4.78 -35.80 -20.12
N ARG A 383 5.22 -34.71 -19.51
CA ARG A 383 6.38 -34.67 -18.73
C ARG A 383 6.30 -35.53 -17.45
N ILE A 384 5.18 -35.40 -16.77
CA ILE A 384 4.91 -36.23 -15.59
C ILE A 384 4.79 -37.72 -15.99
N GLN A 385 4.21 -37.97 -17.14
CA GLN A 385 4.03 -39.36 -17.58
C GLN A 385 5.34 -40.17 -17.59
N LYS A 386 6.44 -39.51 -17.98
CA LYS A 386 7.74 -40.11 -18.04
C LYS A 386 8.32 -40.49 -16.70
N LEU A 387 7.69 -40.08 -15.60
CA LEU A 387 8.21 -40.42 -14.30
C LEU A 387 7.69 -41.79 -13.78
N ASN A 388 6.68 -42.33 -14.46
CA ASN A 388 6.00 -43.57 -14.06
C ASN A 388 5.69 -43.63 -12.59
N LEU A 389 4.75 -42.80 -12.18
CA LEU A 389 4.36 -42.69 -10.80
C LEU A 389 3.10 -43.45 -10.47
N PRO A 390 3.04 -43.96 -9.18
CA PRO A 390 1.83 -44.69 -8.87
C PRO A 390 0.69 -43.77 -8.46
N PHE A 391 0.13 -43.09 -9.43
CA PHE A 391 -0.96 -42.16 -9.17
C PHE A 391 -2.23 -42.87 -8.84
N GLY A 392 -2.30 -44.15 -9.17
CA GLY A 392 -3.49 -44.89 -8.88
C GLY A 392 -3.53 -45.00 -7.38
N MET B 1 -23.23 -7.79 15.79
CA MET B 1 -23.78 -7.14 17.02
C MET B 1 -23.01 -5.82 17.26
N GLU B 2 -22.02 -5.83 18.13
CA GLU B 2 -21.17 -4.65 18.31
C GLU B 2 -19.83 -4.81 17.57
N ILE B 3 -19.60 -3.92 16.62
CA ILE B 3 -18.36 -3.88 15.88
C ILE B 3 -17.27 -3.22 16.77
N THR B 4 -16.14 -3.90 16.90
CA THR B 4 -15.04 -3.51 17.73
C THR B 4 -13.69 -3.26 16.94
N PRO B 5 -13.43 -2.01 16.53
CA PRO B 5 -12.10 -1.68 16.00
C PRO B 5 -10.97 -2.06 16.97
N SER B 6 -9.81 -2.39 16.42
CA SER B 6 -8.65 -2.69 17.24
C SER B 6 -8.10 -1.44 17.96
N ASP B 7 -7.22 -1.70 18.90
CA ASP B 7 -6.56 -0.65 19.69
C ASP B 7 -5.69 0.29 18.85
N VAL B 8 -5.04 -0.24 17.81
CA VAL B 8 -4.31 0.57 16.85
C VAL B 8 -5.22 1.60 16.22
N ILE B 9 -6.43 1.21 15.86
CA ILE B 9 -7.41 2.16 15.33
C ILE B 9 -7.84 3.20 16.40
N LYS B 10 -8.12 2.73 17.60
CA LYS B 10 -8.61 3.60 18.66
C LYS B 10 -7.58 4.68 19.05
N THR B 11 -6.31 4.31 18.99
CA THR B 11 -5.22 5.21 19.38
C THR B 11 -4.66 6.04 18.21
N LEU B 12 -5.20 5.88 16.98
CA LEU B 12 -4.69 6.63 15.85
C LEU B 12 -4.66 8.13 16.18
N PRO B 13 -3.57 8.84 15.85
CA PRO B 13 -3.54 10.27 16.11
C PRO B 13 -4.53 11.02 15.21
N ARG B 14 -5.11 12.07 15.79
CA ARG B 14 -6.04 12.91 15.08
C ARG B 14 -5.31 13.63 13.95
N GLN B 15 -5.87 13.58 12.73
CA GLN B 15 -5.36 14.39 11.62
C GLN B 15 -5.92 15.82 11.71
N GLU B 16 -5.21 16.67 12.45
CA GLU B 16 -5.75 17.97 12.85
C GLU B 16 -6.05 18.90 11.65
N PHE B 17 -5.23 18.85 10.60
CA PHE B 17 -5.41 19.70 9.42
C PHE B 17 -6.71 19.36 8.72
N SER B 18 -7.11 18.07 8.72
CA SER B 18 -8.33 17.62 8.03
C SER B 18 -9.60 18.34 8.53
N LEU B 19 -9.60 18.75 9.79
CA LEU B 19 -10.71 19.59 10.34
C LEU B 19 -10.83 20.95 9.62
N VAL B 20 -9.70 21.54 9.26
CA VAL B 20 -9.70 22.78 8.48
C VAL B 20 -10.28 22.50 7.10
N PHE B 21 -9.77 21.47 6.42
CA PHE B 21 -10.26 21.07 5.07
C PHE B 21 -11.81 20.87 5.04
N GLN B 22 -12.34 20.38 6.15
CA GLN B 22 -13.79 20.16 6.29
C GLN B 22 -14.56 21.48 6.44
N LYS B 23 -14.01 22.40 7.27
CA LYS B 23 -14.58 23.75 7.44
C LYS B 23 -14.58 24.47 6.12
N VAL B 24 -13.55 24.18 5.30
CA VAL B 24 -13.44 24.72 3.95
C VAL B 24 -14.64 24.34 3.09
N LYS B 25 -14.99 23.04 3.10
CA LYS B 25 -16.13 22.54 2.32
C LYS B 25 -17.43 23.19 2.77
N GLU B 26 -17.64 23.22 4.08
CA GLU B 26 -18.83 23.88 4.65
C GLU B 26 -18.89 25.37 4.30
N MET B 27 -17.74 25.99 4.11
CA MET B 27 -17.69 27.40 3.65
C MET B 27 -17.91 27.49 2.14
N GLU B 28 -17.20 26.66 1.37
CA GLU B 28 -17.39 26.64 -0.09
C GLU B 28 -18.82 26.22 -0.57
N LYS B 29 -19.58 25.59 0.33
CA LYS B 29 -20.99 25.27 0.10
C LYS B 29 -21.94 26.42 0.45
N THR B 30 -21.49 27.35 1.31
CA THR B 30 -22.24 28.57 1.68
C THR B 30 -22.03 29.69 0.62
N GLY B 31 -21.06 29.48 -0.26
CA GLY B 31 -20.75 30.45 -1.31
C GLY B 31 -19.36 31.02 -1.30
N ALA B 32 -18.55 30.70 -0.29
CA ALA B 32 -17.17 31.19 -0.22
C ALA B 32 -16.28 30.68 -1.38
N HIS B 33 -15.50 31.59 -2.00
CA HIS B 33 -14.45 31.21 -2.99
C HIS B 33 -13.09 31.23 -2.29
N ILE B 34 -12.56 30.05 -1.98
CA ILE B 34 -11.38 29.94 -1.11
C ILE B 34 -10.09 29.82 -1.92
N ILE B 35 -9.08 30.59 -1.54
CA ILE B 35 -7.74 30.42 -2.09
C ILE B 35 -6.90 29.61 -1.10
N ASN B 36 -6.45 28.45 -1.56
CA ASN B 36 -5.84 27.46 -0.66
C ASN B 36 -4.29 27.39 -0.84
N LEU B 37 -3.58 28.08 0.02
CA LEU B 37 -2.13 27.94 0.04
C LEU B 37 -1.68 27.06 1.23
N GLY B 38 -2.54 26.13 1.63
CA GLY B 38 -2.28 25.34 2.84
C GLY B 38 -1.71 23.96 2.63
N GLN B 39 -1.61 23.50 1.38
CA GLN B 39 -1.33 22.08 1.10
C GLN B 39 -0.19 21.95 0.14
N GLY B 40 0.38 20.78 0.06
CA GLY B 40 1.57 20.53 -0.70
C GLY B 40 1.31 19.79 -2.02
N ASN B 41 0.16 20.06 -2.66
CA ASN B 41 -0.24 19.32 -3.87
C ASN B 41 0.30 20.07 -5.09
N PRO B 42 1.31 19.52 -5.78
CA PRO B 42 1.81 20.27 -6.97
C PRO B 42 0.68 20.64 -7.90
N ASP B 43 0.72 21.88 -8.43
CA ASP B 43 -0.38 22.33 -9.25
C ASP B 43 -0.09 22.00 -10.75
N LEU B 44 1.16 21.77 -11.12
CA LEU B 44 1.55 21.56 -12.50
C LEU B 44 1.51 20.06 -12.85
N PRO B 45 1.28 19.72 -14.14
CA PRO B 45 1.08 18.34 -14.52
C PRO B 45 2.36 17.51 -14.55
N THR B 46 2.21 16.18 -14.49
CA THR B 46 3.33 15.31 -14.68
C THR B 46 3.86 15.61 -16.09
N PRO B 47 5.19 15.72 -16.28
CA PRO B 47 5.76 15.86 -17.59
C PRO B 47 5.31 14.79 -18.58
N PRO B 48 4.97 15.20 -19.81
CA PRO B 48 4.38 14.31 -20.80
C PRO B 48 5.21 13.07 -21.16
N HIS B 49 6.53 13.11 -21.06
CA HIS B 49 7.33 11.92 -21.36
C HIS B 49 7.11 10.80 -20.32
N ILE B 50 6.75 11.18 -19.09
CA ILE B 50 6.42 10.24 -18.05
C ILE B 50 5.04 9.62 -18.31
N VAL B 51 4.08 10.47 -18.60
CA VAL B 51 2.76 10.04 -18.93
C VAL B 51 2.74 9.06 -20.11
N GLU B 52 3.46 9.40 -21.16
CA GLU B 52 3.54 8.53 -22.33
C GLU B 52 4.24 7.21 -22.06
N ALA B 53 5.17 7.19 -21.12
CA ALA B 53 5.80 5.94 -20.72
C ALA B 53 4.79 5.00 -20.01
N LEU B 54 3.92 5.55 -19.15
CA LEU B 54 2.83 4.79 -18.62
C LEU B 54 1.90 4.23 -19.70
N ARG B 55 1.50 5.11 -20.65
CA ARG B 55 0.55 4.72 -21.65
C ARG B 55 1.09 3.58 -22.53
N GLU B 56 2.38 3.63 -22.89
CA GLU B 56 3.03 2.60 -23.68
C GLU B 56 3.21 1.30 -22.90
N ALA B 57 3.60 1.42 -21.64
CA ALA B 57 3.84 0.26 -20.79
C ALA B 57 2.61 -0.52 -20.53
N SER B 58 1.46 0.17 -20.43
CA SER B 58 0.25 -0.48 -20.10
C SER B 58 -0.22 -1.46 -21.20
N LEU B 59 0.32 -1.33 -22.41
CA LEU B 59 -0.06 -2.21 -23.54
C LEU B 59 0.68 -3.54 -23.47
N ASN B 60 1.69 -3.61 -22.61
CA ASN B 60 2.52 -4.79 -22.48
C ASN B 60 1.83 -5.81 -21.56
N PRO B 61 1.35 -6.91 -22.12
CA PRO B 61 0.65 -7.92 -21.31
C PRO B 61 1.49 -8.59 -20.25
N SER B 62 2.82 -8.52 -20.34
CA SER B 62 3.67 -8.96 -19.26
C SER B 62 3.38 -8.26 -17.96
N PHE B 63 2.92 -7.02 -18.02
CA PHE B 63 2.56 -6.30 -16.78
C PHE B 63 1.13 -6.53 -16.31
N HIS B 64 0.31 -7.22 -17.10
CA HIS B 64 -1.05 -7.52 -16.67
C HIS B 64 -1.12 -8.52 -15.54
N GLY B 65 -0.18 -9.48 -15.51
CA GLY B 65 -0.16 -10.54 -14.55
C GLY B 65 0.73 -10.22 -13.39
N TYR B 66 0.91 -11.16 -12.44
CA TYR B 66 1.71 -10.92 -11.27
C TYR B 66 3.17 -10.71 -11.64
N GLY B 67 3.80 -9.74 -10.99
CA GLY B 67 5.20 -9.47 -11.17
C GLY B 67 5.98 -9.88 -9.94
N PRO B 68 7.28 -9.58 -9.92
CA PRO B 68 8.16 -9.86 -8.77
C PRO B 68 7.67 -9.11 -7.54
N PHE B 69 7.67 -9.78 -6.37
CA PHE B 69 7.22 -9.20 -5.13
C PHE B 69 7.93 -7.87 -4.84
N ARG B 70 9.19 -7.77 -5.20
CA ARG B 70 10.01 -6.66 -4.76
C ARG B 70 10.21 -5.61 -5.84
N GLY B 71 9.50 -5.76 -6.94
CA GLY B 71 9.60 -4.81 -8.05
C GLY B 71 10.44 -5.33 -9.15
N TYR B 72 10.40 -4.67 -10.28
CA TYR B 72 11.19 -5.06 -11.43
C TYR B 72 12.65 -4.58 -11.33
N PRO B 73 13.61 -5.45 -11.68
CA PRO B 73 15.02 -5.03 -11.64
C PRO B 73 15.32 -3.76 -12.48
N PHE B 74 14.59 -3.53 -13.56
CA PHE B 74 14.87 -2.38 -14.42
C PHE B 74 14.64 -1.05 -13.66
N LEU B 75 13.70 -1.05 -12.73
CA LEU B 75 13.46 0.17 -11.93
C LEU B 75 14.52 0.36 -10.86
N LYS B 76 14.94 -0.72 -10.22
CA LYS B 76 15.98 -0.65 -9.20
C LYS B 76 17.32 -0.19 -9.84
N GLU B 77 17.59 -0.64 -11.05
CA GLU B 77 18.72 -0.16 -11.82
C GLU B 77 18.57 1.34 -12.16
N ALA B 78 17.38 1.79 -12.52
CA ALA B 78 17.15 3.24 -12.79
C ALA B 78 17.40 4.07 -11.54
N ILE B 79 16.98 3.53 -10.39
CA ILE B 79 17.20 4.19 -9.13
C ILE B 79 18.70 4.29 -8.85
N ALA B 80 19.42 3.21 -9.05
CA ALA B 80 20.89 3.29 -8.79
C ALA B 80 21.56 4.31 -9.73
N ALA B 81 21.18 4.29 -11.00
CA ALA B 81 21.75 5.21 -12.01
C ALA B 81 21.39 6.66 -11.63
N PHE B 82 20.20 6.86 -11.10
CA PHE B 82 19.75 8.18 -10.71
C PHE B 82 20.57 8.72 -9.52
N TYR B 83 20.78 7.90 -8.51
CA TYR B 83 21.53 8.33 -7.35
C TYR B 83 23.00 8.64 -7.67
N LYS B 84 23.53 7.94 -8.65
CA LYS B 84 24.88 8.19 -9.11
C LYS B 84 24.95 9.52 -9.89
N ARG B 85 24.00 9.75 -10.80
CA ARG B 85 23.97 10.96 -11.64
C ARG B 85 23.72 12.20 -10.80
N GLU B 86 22.78 12.11 -9.84
CA GLU B 86 22.33 13.26 -9.12
C GLU B 86 23.18 13.59 -7.93
N TYR B 87 23.64 12.58 -7.21
CA TYR B 87 24.30 12.76 -5.91
C TYR B 87 25.67 12.16 -5.79
N GLY B 88 26.12 11.48 -6.82
CA GLY B 88 27.43 10.85 -6.78
C GLY B 88 27.49 9.63 -5.88
N VAL B 89 26.33 9.05 -5.58
CA VAL B 89 26.23 7.96 -4.57
C VAL B 89 26.11 6.60 -5.24
N THR B 90 26.95 5.67 -4.80
CA THR B 90 26.93 4.31 -5.28
C THR B 90 25.91 3.47 -4.52
N ILE B 91 24.95 2.92 -5.26
CA ILE B 91 23.89 2.07 -4.68
C ILE B 91 23.88 0.72 -5.39
N ASN B 92 23.90 -0.37 -4.63
CA ASN B 92 23.67 -1.69 -5.18
C ASN B 92 22.19 -1.92 -5.48
N PRO B 93 21.79 -1.99 -6.76
CA PRO B 93 20.35 -2.08 -7.01
C PRO B 93 19.70 -3.35 -6.48
N GLU B 94 20.50 -4.40 -6.33
CA GLU B 94 19.94 -5.70 -5.99
C GLU B 94 19.77 -5.84 -4.48
N THR B 95 20.52 -5.07 -3.69
CA THR B 95 20.48 -5.19 -2.26
C THR B 95 20.07 -3.94 -1.51
N GLU B 96 20.17 -2.77 -2.13
CA GLU B 96 20.03 -1.53 -1.35
C GLU B 96 18.83 -0.67 -1.74
N VAL B 97 17.90 -1.24 -2.46
CA VAL B 97 16.71 -0.49 -2.92
C VAL B 97 15.45 -1.24 -2.59
N ALA B 98 14.44 -0.53 -2.07
CA ALA B 98 13.12 -1.06 -1.93
C ALA B 98 12.11 -0.03 -2.42
N LEU B 99 11.02 -0.52 -3.04
CA LEU B 99 9.92 0.31 -3.57
C LEU B 99 8.75 0.39 -2.64
N PHE B 100 8.07 1.53 -2.69
CA PHE B 100 6.92 1.79 -1.85
C PHE B 100 5.79 2.44 -2.68
N GLY B 101 4.55 2.24 -2.26
CA GLY B 101 3.41 2.95 -2.84
C GLY B 101 3.28 4.34 -2.23
N GLY B 102 4.32 5.17 -2.42
CA GLY B 102 4.37 6.55 -1.91
C GLY B 102 5.12 6.66 -0.60
N GLY B 103 5.67 7.83 -0.33
CA GLY B 103 6.46 8.07 0.88
C GLY B 103 5.68 7.77 2.14
N LYS B 104 4.41 8.10 2.16
CA LYS B 104 3.56 7.85 3.30
C LYS B 104 3.54 6.34 3.68
N ALA B 105 3.37 5.48 2.70
CA ALA B 105 3.49 4.00 2.92
C ALA B 105 4.88 3.58 3.36
N GLY B 106 5.91 4.20 2.78
CA GLY B 106 7.27 3.94 3.16
C GLY B 106 7.55 4.25 4.62
N LEU B 107 7.04 5.37 5.11
CA LEU B 107 7.21 5.73 6.52
C LEU B 107 6.53 4.73 7.44
N TYR B 108 5.39 4.21 7.04
CA TYR B 108 4.69 3.21 7.86
C TYR B 108 5.50 1.90 7.90
N VAL B 109 5.91 1.43 6.74
CA VAL B 109 6.69 0.15 6.63
C VAL B 109 7.99 0.27 7.40
N LEU B 110 8.68 1.40 7.27
CA LEU B 110 9.96 1.58 7.87
C LEU B 110 9.85 1.58 9.37
N THR B 111 8.85 2.25 9.91
CA THR B 111 8.63 2.20 11.37
C THR B 111 8.20 0.87 11.92
N GLN B 112 7.37 0.14 11.18
CA GLN B 112 7.01 -1.21 11.57
C GLN B 112 8.22 -2.14 11.57
N CYS B 113 9.13 -1.94 10.64
CA CYS B 113 10.37 -2.73 10.56
C CYS B 113 11.44 -2.41 11.60
N LEU B 114 11.43 -1.20 12.12
CA LEU B 114 12.55 -0.73 12.93
C LEU B 114 12.21 -0.36 14.37
N LEU B 115 10.92 -0.30 14.72
CA LEU B 115 10.48 0.11 16.04
C LEU B 115 9.67 -0.98 16.71
N ASN B 116 10.01 -1.27 17.97
CA ASN B 116 9.20 -2.18 18.82
C ASN B 116 8.35 -1.39 19.75
N PRO B 117 7.25 -1.96 20.18
CA PRO B 117 6.40 -1.27 21.12
C PRO B 117 7.32 -0.89 22.26
N GLY B 118 7.13 0.29 22.78
CA GLY B 118 7.98 0.77 23.85
C GLY B 118 9.29 1.42 23.50
N ASP B 119 9.80 1.28 22.29
CA ASP B 119 11.00 1.96 21.88
C ASP B 119 10.71 3.48 21.75
N ILE B 120 11.73 4.29 21.74
CA ILE B 120 11.62 5.72 21.53
C ILE B 120 11.99 6.03 20.09
N ALA B 121 11.24 6.93 19.48
CA ALA B 121 11.60 7.51 18.18
C ALA B 121 11.91 9.01 18.38
N LEU B 122 13.06 9.43 17.92
CA LEU B 122 13.45 10.82 17.94
C LEU B 122 12.86 11.55 16.71
N VAL B 123 12.04 12.58 16.96
CA VAL B 123 11.32 13.28 15.93
C VAL B 123 11.52 14.78 16.03
N PRO B 124 11.81 15.44 14.89
CA PRO B 124 12.00 16.91 14.93
C PRO B 124 10.72 17.67 15.22
N ASN B 125 10.89 18.82 15.91
CA ASN B 125 9.78 19.73 16.24
C ASN B 125 10.31 21.13 15.86
N PRO B 126 9.79 21.72 14.78
CA PRO B 126 8.66 21.22 13.95
C PRO B 126 9.02 20.09 13.04
N GLY B 127 7.99 19.35 12.60
CA GLY B 127 8.21 18.20 11.75
C GLY B 127 6.91 17.76 11.06
N TYR B 128 7.08 17.12 9.93
CA TYR B 128 5.97 16.48 9.21
C TYR B 128 5.09 15.63 10.18
N PRO B 129 3.82 16.00 10.35
CA PRO B 129 2.94 15.31 11.34
C PRO B 129 2.75 13.80 11.03
N GLU B 130 2.97 13.38 9.79
CA GLU B 130 2.74 11.98 9.47
C GLU B 130 3.76 11.07 10.11
N TYR B 131 4.90 11.60 10.54
CA TYR B 131 5.87 10.80 11.30
C TYR B 131 5.22 10.18 12.53
N LEU B 132 4.24 10.89 13.09
CA LEU B 132 3.55 10.45 14.31
C LEU B 132 2.72 9.20 14.14
N SER B 133 2.08 9.05 12.99
CA SER B 133 1.30 7.90 12.60
C SER B 133 2.03 6.57 12.75
N GLY B 134 3.09 6.37 11.98
CA GLY B 134 3.88 5.18 12.02
C GLY B 134 4.37 4.85 13.44
N ILE B 135 4.76 5.86 14.16
CA ILE B 135 5.34 5.68 15.46
C ILE B 135 4.25 5.19 16.43
N THR B 136 3.08 5.81 16.35
CA THR B 136 1.98 5.47 17.24
C THR B 136 1.47 4.06 16.90
N MET B 137 1.35 3.75 15.63
CA MET B 137 0.95 2.43 15.18
C MET B 137 1.94 1.33 15.47
N ALA B 138 3.20 1.69 15.68
CA ALA B 138 4.21 0.76 16.17
C ALA B 138 4.15 0.65 17.73
N ARG B 139 3.26 1.44 18.34
CA ARG B 139 3.11 1.49 19.80
C ARG B 139 4.37 2.01 20.50
N ALA B 140 5.12 2.88 19.83
CA ALA B 140 6.37 3.41 20.36
C ALA B 140 6.18 4.81 20.90
N GLU B 141 7.20 5.31 21.59
CA GLU B 141 7.16 6.61 22.27
C GLU B 141 7.93 7.67 21.47
N LEU B 142 7.42 8.89 21.45
CA LEU B 142 8.07 9.98 20.76
C LEU B 142 8.92 10.84 21.70
N TYR B 143 10.14 11.16 21.28
CA TYR B 143 10.99 12.12 21.96
C TYR B 143 11.34 13.23 20.98
N GLU B 144 11.04 14.48 21.33
CA GLU B 144 11.24 15.64 20.44
C GLU B 144 12.68 16.15 20.31
N MET B 145 13.10 16.45 19.08
CA MET B 145 14.33 17.18 18.83
C MET B 145 13.93 18.56 18.33
N PRO B 146 14.12 19.61 19.16
CA PRO B 146 13.64 20.93 18.75
C PRO B 146 14.51 21.57 17.65
N LEU B 147 13.86 22.13 16.66
CA LEU B 147 14.58 22.84 15.57
C LEU B 147 14.36 24.32 15.80
N TYR B 148 15.43 25.03 16.16
CA TYR B 148 15.33 26.45 16.37
C TYR B 148 15.97 27.22 15.21
N GLU B 149 15.38 28.37 14.89
CA GLU B 149 15.90 29.23 13.81
C GLU B 149 17.38 29.60 14.05
N GLU B 150 17.74 29.81 15.31
CA GLU B 150 19.13 30.14 15.70
C GLU B 150 20.11 29.06 15.27
N ASN B 151 19.67 27.81 15.27
CA ASN B 151 20.51 26.69 14.78
C ASN B 151 20.22 26.32 13.32
N GLY B 152 19.59 27.22 12.56
CA GLY B 152 19.30 26.95 11.13
C GLY B 152 18.33 25.78 11.01
N TYR B 153 17.56 25.55 12.08
CA TYR B 153 16.56 24.53 12.11
C TYR B 153 17.15 23.15 11.96
N LEU B 154 18.42 23.00 12.37
CA LEU B 154 19.05 21.70 12.50
C LEU B 154 19.06 21.28 14.01
N PRO B 155 18.83 19.99 14.30
CA PRO B 155 18.74 19.57 15.70
C PRO B 155 20.16 19.60 16.32
N ASP B 156 20.23 19.89 17.61
CA ASP B 156 21.46 19.76 18.41
C ASP B 156 21.40 18.41 19.13
N PHE B 157 22.18 17.47 18.66
CA PHE B 157 22.09 16.06 19.13
C PHE B 157 22.61 15.89 20.57
N GLU B 158 23.49 16.81 20.99
CA GLU B 158 24.00 16.83 22.35
C GLU B 158 23.01 17.38 23.36
N LYS B 159 21.95 18.04 22.88
CA LYS B 159 20.88 18.49 23.75
C LYS B 159 19.96 17.35 24.18
N ILE B 160 20.05 16.20 23.52
CA ILE B 160 19.16 15.08 23.80
C ILE B 160 19.62 14.43 25.12
N ASP B 161 18.68 14.22 26.00
CA ASP B 161 18.93 13.54 27.28
C ASP B 161 19.52 12.15 27.02
N PRO B 162 20.77 11.90 27.48
CA PRO B 162 21.44 10.59 27.28
C PRO B 162 20.69 9.40 27.90
N ALA B 163 19.77 9.69 28.82
CA ALA B 163 18.90 8.69 29.41
C ALA B 163 17.99 7.98 28.43
N VAL B 164 17.61 8.67 27.33
CA VAL B 164 16.71 8.07 26.33
C VAL B 164 17.40 7.34 25.19
N LEU B 165 18.72 7.48 25.11
CA LEU B 165 19.49 7.02 23.97
C LEU B 165 19.53 5.51 23.84
N GLU B 166 19.35 4.80 24.96
CA GLU B 166 19.24 3.34 24.93
C GLU B 166 17.90 2.87 24.36
N LYS B 167 16.83 3.47 24.82
CA LYS B 167 15.51 3.18 24.27
C LYS B 167 15.30 3.76 22.87
N ALA B 168 16.08 4.78 22.52
CA ALA B 168 15.98 5.42 21.18
C ALA B 168 16.47 4.51 20.08
N LYS B 169 15.55 4.06 19.23
CA LYS B 169 15.90 3.13 18.15
C LYS B 169 15.76 3.67 16.74
N LEU B 170 15.13 4.82 16.60
CA LEU B 170 14.91 5.42 15.30
C LEU B 170 14.86 6.93 15.41
N MET B 171 15.46 7.59 14.43
CA MET B 171 15.37 8.99 14.30
C MET B 171 14.92 9.39 12.87
N PHE B 172 14.05 10.39 12.79
CA PHE B 172 13.70 11.06 11.52
C PHE B 172 14.41 12.38 11.33
N LEU B 173 14.91 12.62 10.12
CA LEU B 173 15.36 13.91 9.72
C LEU B 173 14.76 14.22 8.32
N ASN B 174 14.59 15.49 8.01
CA ASN B 174 13.96 15.92 6.78
C ASN B 174 14.56 17.20 6.23
N TYR B 175 15.46 17.10 5.28
CA TYR B 175 16.08 18.28 4.61
C TYR B 175 16.22 18.07 3.12
N PRO B 176 15.82 19.07 2.30
CA PRO B 176 15.17 20.36 2.62
C PRO B 176 13.93 20.18 3.37
N ASN B 177 13.67 21.05 4.36
CA ASN B 177 12.70 20.77 5.46
C ASN B 177 11.28 21.31 5.27
N ASN B 178 10.33 20.46 5.59
CA ASN B 178 8.92 20.79 5.69
C ASN B 178 8.66 20.86 7.19
N PRO B 179 8.30 22.04 7.70
CA PRO B 179 7.80 23.22 7.01
C PRO B 179 8.74 24.41 6.90
N THR B 180 10.01 24.31 7.34
CA THR B 180 10.77 25.51 7.58
C THR B 180 11.47 26.03 6.35
N GLY B 181 11.73 25.18 5.36
CA GLY B 181 12.48 25.55 4.19
C GLY B 181 13.96 25.40 4.39
N ALA B 182 14.39 24.94 5.58
CA ALA B 182 15.82 24.91 5.86
C ALA B 182 16.49 23.76 5.12
N VAL B 183 17.79 23.84 4.97
CA VAL B 183 18.57 22.86 4.22
C VAL B 183 19.72 22.37 5.08
N ALA B 184 20.23 21.18 4.78
CA ALA B 184 21.35 20.59 5.47
C ALA B 184 22.52 20.34 4.51
N ASP B 185 23.73 20.12 5.03
CA ASP B 185 24.89 19.77 4.19
C ASP B 185 25.54 18.49 4.63
N ALA B 186 26.57 18.08 3.86
CA ALA B 186 27.29 16.82 4.09
C ALA B 186 27.84 16.69 5.50
N ALA B 187 28.37 17.79 6.01
CA ALA B 187 28.88 17.83 7.40
C ALA B 187 27.79 17.54 8.44
N PHE B 188 26.62 18.17 8.29
CA PHE B 188 25.53 17.85 9.22
C PHE B 188 25.18 16.36 9.17
N TYR B 189 25.12 15.84 7.95
CA TYR B 189 24.73 14.45 7.78
C TYR B 189 25.78 13.50 8.34
N ALA B 190 27.05 13.90 8.24
CA ALA B 190 28.14 13.09 8.79
C ALA B 190 28.04 13.02 10.30
N LYS B 191 27.69 14.15 10.88
CA LYS B 191 27.51 14.29 12.31
C LYS B 191 26.35 13.45 12.82
N ALA B 192 25.21 13.59 12.14
CA ALA B 192 24.03 12.78 12.39
C ALA B 192 24.36 11.28 12.35
N ALA B 193 25.11 10.85 11.34
CA ALA B 193 25.41 9.46 11.16
C ALA B 193 26.37 8.96 12.26
N ALA B 194 27.32 9.80 12.61
CA ALA B 194 28.23 9.53 13.72
C ALA B 194 27.47 9.37 15.04
N PHE B 195 26.54 10.28 15.30
CA PHE B 195 25.71 10.19 16.50
C PHE B 195 24.84 8.90 16.56
N ALA B 196 24.25 8.53 15.43
CA ALA B 196 23.37 7.36 15.38
C ALA B 196 24.18 6.07 15.54
N LYS B 197 25.36 6.07 14.95
CA LYS B 197 26.32 4.97 15.06
C LYS B 197 26.74 4.73 16.53
N GLU B 198 26.93 5.82 17.27
CA GLU B 198 27.34 5.73 18.67
C GLU B 198 26.24 5.21 19.58
N HIS B 199 25.02 5.60 19.31
CA HIS B 199 23.93 5.27 20.23
C HIS B 199 22.94 4.25 19.66
N ASN B 200 23.37 3.57 18.60
CA ASN B 200 22.61 2.51 17.94
C ASN B 200 21.22 2.92 17.59
N ILE B 201 21.11 3.98 16.80
CA ILE B 201 19.83 4.53 16.37
C ILE B 201 19.74 4.37 14.84
N HIS B 202 18.64 3.81 14.36
CA HIS B 202 18.38 3.73 12.94
C HIS B 202 17.92 5.12 12.43
N LEU B 203 18.56 5.58 11.38
CA LEU B 203 18.33 6.93 10.86
C LEU B 203 17.59 6.91 9.52
N ILE B 204 16.40 7.52 9.46
CA ILE B 204 15.66 7.61 8.23
C ILE B 204 15.67 9.05 7.79
N HIS B 205 16.25 9.31 6.62
CA HIS B 205 16.21 10.68 6.13
C HIS B 205 15.12 10.83 5.08
N ASP B 206 14.25 11.80 5.27
CA ASP B 206 13.11 12.01 4.39
C ASP B 206 13.59 13.04 3.33
N PHE B 207 13.78 12.58 2.11
CA PHE B 207 14.36 13.39 1.06
C PHE B 207 13.30 13.78 0.00
N ALA B 208 12.07 14.03 0.47
CA ALA B 208 10.95 14.39 -0.38
C ALA B 208 11.18 15.63 -1.23
N TYR B 209 12.00 16.58 -0.73
CA TYR B 209 12.23 17.84 -1.42
C TYR B 209 13.66 17.91 -1.94
N GLY B 210 14.26 16.75 -2.13
CA GLY B 210 15.63 16.62 -2.58
C GLY B 210 15.97 17.22 -3.92
N ALA B 211 14.96 17.58 -4.71
CA ALA B 211 15.18 18.27 -5.98
C ALA B 211 15.23 19.80 -5.76
N PHE B 212 14.81 20.29 -4.61
CA PHE B 212 14.51 21.72 -4.49
C PHE B 212 15.32 22.44 -3.44
N GLU B 213 16.59 22.67 -3.73
CA GLU B 213 17.39 23.60 -2.96
C GLU B 213 17.92 24.63 -3.95
N PHE B 214 17.68 25.90 -3.66
CA PHE B 214 17.83 26.96 -4.67
C PHE B 214 19.24 27.46 -4.92
N ASP B 215 20.04 27.62 -3.88
CA ASP B 215 21.44 28.15 -4.03
C ASP B 215 22.46 27.10 -4.50
N GLN B 216 22.15 25.80 -4.34
CA GLN B 216 23.05 24.75 -4.75
C GLN B 216 22.36 23.40 -4.88
N LYS B 217 23.07 22.45 -5.46
CA LYS B 217 22.61 21.06 -5.52
C LYS B 217 22.42 20.52 -4.08
N PRO B 218 21.28 19.89 -3.80
CA PRO B 218 21.09 19.36 -2.44
C PRO B 218 21.96 18.13 -2.26
N ALA B 219 22.51 17.97 -1.06
CA ALA B 219 23.24 16.76 -0.70
C ALA B 219 22.26 15.68 -0.21
N SER B 220 22.46 14.45 -0.67
CA SER B 220 21.80 13.28 -0.09
C SER B 220 22.47 12.92 1.24
N PHE B 221 21.68 12.49 2.21
CA PHE B 221 22.21 11.88 3.44
C PHE B 221 23.26 10.80 3.13
N LEU B 222 23.04 10.06 2.07
CA LEU B 222 23.92 8.96 1.71
C LEU B 222 25.30 9.38 1.19
N GLU B 223 25.51 10.67 1.01
CA GLU B 223 26.85 11.22 0.79
C GLU B 223 27.74 11.18 2.03
N ALA B 224 27.16 11.19 3.22
CA ALA B 224 27.92 11.15 4.46
C ALA B 224 28.57 9.80 4.70
N GLU B 225 29.80 9.81 5.19
CA GLU B 225 30.48 8.60 5.68
C GLU B 225 29.63 7.96 6.77
N ASP B 226 29.45 6.66 6.69
CA ASP B 226 28.66 5.87 7.65
C ASP B 226 27.13 6.05 7.57
N ALA B 227 26.64 6.78 6.58
CA ALA B 227 25.18 6.92 6.42
C ALA B 227 24.56 5.57 6.11
N LYS B 228 25.21 4.79 5.25
CA LYS B 228 24.72 3.47 4.83
C LYS B 228 24.81 2.46 5.95
N THR B 229 25.70 2.70 6.90
CA THR B 229 25.88 1.86 8.06
C THR B 229 24.74 2.00 9.04
N VAL B 230 24.15 3.21 9.15
CA VAL B 230 23.16 3.50 10.18
C VAL B 230 21.72 3.69 9.65
N GLY B 231 21.55 3.91 8.35
CA GLY B 231 20.23 4.33 7.93
C GLY B 231 19.87 4.17 6.48
N ALA B 232 18.87 4.90 6.08
CA ALA B 232 18.32 4.82 4.72
C ALA B 232 17.68 6.15 4.41
N GLU B 233 17.49 6.39 3.12
CA GLU B 233 16.91 7.65 2.67
C GLU B 233 15.63 7.30 1.89
N LEU B 234 14.55 8.03 2.19
CA LEU B 234 13.29 7.89 1.54
C LEU B 234 13.17 8.97 0.46
N TYR B 235 12.97 8.53 -0.77
CA TYR B 235 12.85 9.39 -1.93
C TYR B 235 11.44 9.22 -2.53
N SER B 236 10.72 10.31 -2.71
CA SER B 236 9.37 10.30 -3.33
C SER B 236 9.34 10.85 -4.78
N PHE B 237 8.46 10.29 -5.60
CA PHE B 237 8.24 10.84 -6.92
C PHE B 237 7.31 12.06 -6.86
N SER B 238 6.65 12.29 -5.72
CA SER B 238 5.52 13.19 -5.63
C SER B 238 5.86 14.61 -5.95
N LYS B 239 6.91 15.12 -5.29
CA LYS B 239 7.28 16.52 -5.46
C LYS B 239 8.22 16.73 -6.64
N THR B 240 9.19 15.84 -6.81
CA THR B 240 10.19 16.02 -7.83
C THR B 240 9.59 16.05 -9.22
N PHE B 241 8.60 15.22 -9.44
CA PHE B 241 8.09 14.99 -10.79
C PHE B 241 6.65 15.34 -10.97
N ASN B 242 6.06 16.08 -10.02
CA ASN B 242 4.61 16.32 -10.04
C ASN B 242 3.85 14.99 -10.21
N MET B 243 4.22 14.00 -9.40
CA MET B 243 3.60 12.67 -9.46
C MET B 243 2.92 12.29 -8.14
N ALA B 244 2.39 13.29 -7.42
CA ALA B 244 1.80 13.06 -6.12
C ALA B 244 0.70 12.04 -6.14
N GLY B 245 -0.11 12.06 -7.21
CA GLY B 245 -1.23 11.19 -7.34
C GLY B 245 -0.86 9.75 -7.75
N TRP B 246 0.33 9.59 -8.30
CA TRP B 246 0.82 8.30 -8.79
C TRP B 246 1.21 7.31 -7.70
N ARG B 247 1.55 7.83 -6.53
CA ARG B 247 1.86 7.03 -5.32
C ARG B 247 3.09 6.13 -5.50
N MET B 248 4.26 6.73 -5.69
CA MET B 248 5.48 5.99 -5.84
C MET B 248 6.62 6.60 -5.04
N ALA B 249 7.44 5.74 -4.42
CA ALA B 249 8.55 6.17 -3.63
C ALA B 249 9.52 5.02 -3.47
N PHE B 250 10.75 5.30 -3.02
CA PHE B 250 11.66 4.22 -2.74
C PHE B 250 12.54 4.55 -1.57
N ALA B 251 13.11 3.50 -0.95
CA ALA B 251 14.16 3.68 0.02
C ALA B 251 15.46 3.17 -0.52
N VAL B 252 16.53 3.93 -0.25
CA VAL B 252 17.87 3.47 -0.57
C VAL B 252 18.70 3.55 0.70
N GLY B 253 19.52 2.53 0.93
CA GLY B 253 20.46 2.54 2.04
C GLY B 253 20.85 1.15 2.53
N ASN B 254 20.99 1.05 3.85
CA ASN B 254 21.55 -0.11 4.50
C ASN B 254 20.83 -1.38 4.09
N GLU B 255 21.60 -2.36 3.61
CA GLU B 255 21.03 -3.58 3.07
C GLU B 255 20.25 -4.43 4.07
N LYS B 256 20.57 -4.33 5.36
CA LYS B 256 19.83 -4.96 6.42
C LYS B 256 18.50 -4.31 6.70
N ILE B 257 18.43 -2.99 6.58
CA ILE B 257 17.16 -2.28 6.63
C ILE B 257 16.32 -2.68 5.43
N ILE B 258 16.92 -2.65 4.24
CA ILE B 258 16.21 -3.01 3.04
C ILE B 258 15.68 -4.46 3.11
N GLN B 259 16.46 -5.35 3.68
CA GLN B 259 16.02 -6.74 3.83
C GLN B 259 14.79 -6.86 4.72
N ALA B 260 14.76 -6.12 5.82
CA ALA B 260 13.61 -6.12 6.72
C ALA B 260 12.37 -5.59 6.01
N VAL B 261 12.56 -4.49 5.25
CA VAL B 261 11.49 -3.95 4.42
C VAL B 261 10.93 -4.98 3.49
N ASN B 262 11.82 -5.66 2.79
CA ASN B 262 11.45 -6.65 1.82
C ASN B 262 10.72 -7.82 2.45
N GLU B 263 11.16 -8.23 3.63
CA GLU B 263 10.45 -9.28 4.34
C GLU B 263 9.01 -8.91 4.69
N PHE B 264 8.82 -7.73 5.28
CA PHE B 264 7.52 -7.20 5.58
C PHE B 264 6.64 -7.12 4.37
N GLN B 265 7.16 -6.47 3.35
CA GLN B 265 6.40 -6.25 2.13
C GLN B 265 6.05 -7.54 1.37
N ASP B 266 6.85 -8.61 1.54
CA ASP B 266 6.54 -9.87 0.92
C ASP B 266 5.21 -10.42 1.44
N HIS B 267 4.86 -10.05 2.67
CA HIS B 267 3.60 -10.50 3.29
C HIS B 267 2.38 -9.66 2.97
N VAL B 268 2.59 -8.47 2.39
CA VAL B 268 1.49 -7.51 2.20
C VAL B 268 1.24 -7.16 0.72
N PHE B 269 2.30 -7.20 -0.08
CA PHE B 269 2.28 -6.72 -1.49
C PHE B 269 2.76 -7.75 -2.51
N VAL B 270 2.40 -7.53 -3.75
CA VAL B 270 3.05 -8.21 -4.85
C VAL B 270 3.53 -7.11 -5.81
N GLY B 271 4.56 -6.42 -5.39
CA GLY B 271 5.08 -5.29 -6.20
C GLY B 271 4.03 -4.22 -6.43
N MET B 272 4.09 -3.64 -7.62
CA MET B 272 3.15 -2.65 -8.07
C MET B 272 3.06 -2.69 -9.61
N PHE B 273 2.04 -2.06 -10.20
CA PHE B 273 1.79 -2.15 -11.62
C PHE B 273 3.02 -1.80 -12.41
N GLY B 274 3.44 -2.70 -13.30
CA GLY B 274 4.68 -2.45 -14.06
C GLY B 274 4.56 -1.24 -14.99
N GLY B 275 3.35 -0.85 -15.36
CA GLY B 275 3.15 0.36 -16.14
C GLY B 275 3.63 1.56 -15.34
N LEU B 276 3.29 1.58 -14.05
CA LEU B 276 3.79 2.58 -13.13
C LEU B 276 5.31 2.54 -12.95
N GLN B 277 5.87 1.33 -12.85
CA GLN B 277 7.31 1.18 -12.71
C GLN B 277 8.06 1.73 -13.89
N GLN B 278 7.55 1.47 -15.09
CA GLN B 278 8.16 1.96 -16.29
C GLN B 278 8.06 3.49 -16.35
N ALA B 279 6.96 4.08 -15.90
CA ALA B 279 6.88 5.55 -15.82
C ALA B 279 7.89 6.09 -14.83
N ALA B 280 8.06 5.41 -13.72
CA ALA B 280 9.02 5.83 -12.70
C ALA B 280 10.44 5.80 -13.25
N SER B 281 10.70 4.80 -14.07
CA SER B 281 12.00 4.65 -14.64
C SER B 281 12.24 5.75 -15.71
N ALA B 282 11.20 6.15 -16.43
CA ALA B 282 11.31 7.20 -17.44
C ALA B 282 11.46 8.53 -16.71
N ALA B 283 10.87 8.67 -15.52
CA ALA B 283 11.09 9.87 -14.71
C ALA B 283 12.53 10.05 -14.31
N LEU B 284 13.12 8.98 -13.81
CA LEU B 284 14.45 9.01 -13.29
C LEU B 284 15.47 9.16 -14.41
N SER B 285 15.24 8.52 -15.53
CA SER B 285 16.20 8.53 -16.62
C SER B 285 16.00 9.76 -17.51
N GLY B 286 14.95 10.51 -17.26
CA GLY B 286 14.67 11.67 -18.08
C GLY B 286 15.58 12.87 -17.90
N ASP B 287 15.38 13.86 -18.77
CA ASP B 287 16.24 15.07 -18.84
C ASP B 287 16.07 15.84 -17.51
N PRO B 288 17.14 16.00 -16.74
CA PRO B 288 17.01 16.73 -15.46
C PRO B 288 16.66 18.22 -15.64
N GLU B 289 16.82 18.78 -16.83
CA GLU B 289 16.37 20.14 -17.12
C GLU B 289 14.90 20.37 -16.87
N HIS B 290 14.08 19.33 -16.94
CA HIS B 290 12.66 19.44 -16.60
C HIS B 290 12.46 19.81 -15.11
N THR B 291 13.23 19.16 -14.25
CA THR B 291 13.16 19.37 -12.81
C THR B 291 13.81 20.73 -12.48
N GLU B 292 14.90 21.10 -13.16
CA GLU B 292 15.51 22.40 -12.93
C GLU B 292 14.53 23.52 -13.32
N SER B 293 13.81 23.33 -14.43
CA SER B 293 12.80 24.25 -14.86
C SER B 293 11.68 24.42 -13.81
N LEU B 294 11.25 23.31 -13.20
CA LEU B 294 10.30 23.32 -12.17
C LEU B 294 10.79 24.05 -10.91
N LYS B 295 12.01 23.77 -10.51
CA LYS B 295 12.66 24.57 -9.49
C LYS B 295 12.64 26.11 -9.74
N ARG B 296 12.82 26.53 -10.99
CA ARG B 296 12.85 27.93 -11.32
C ARG B 296 11.45 28.53 -11.24
N ILE B 297 10.42 27.76 -11.57
CA ILE B 297 9.03 28.17 -11.36
C ILE B 297 8.76 28.46 -9.88
N TYR B 298 9.15 27.50 -9.01
CA TYR B 298 8.92 27.73 -7.58
C TYR B 298 9.68 28.92 -7.07
N LYS B 299 10.94 29.08 -7.49
CA LYS B 299 11.76 30.21 -7.06
C LYS B 299 11.14 31.57 -7.50
N GLU B 300 10.61 31.61 -8.70
CA GLU B 300 9.93 32.81 -9.17
C GLU B 300 8.70 33.13 -8.33
N ARG B 301 7.92 32.11 -7.98
CA ARG B 301 6.71 32.31 -7.19
C ARG B 301 7.11 32.81 -5.81
N ILE B 302 8.14 32.22 -5.23
CA ILE B 302 8.68 32.63 -3.95
C ILE B 302 9.11 34.10 -3.96
N ASP B 303 9.87 34.46 -4.97
CA ASP B 303 10.32 35.84 -5.12
C ASP B 303 9.17 36.82 -5.33
N PHE B 304 8.28 36.50 -6.26
CA PHE B 304 7.04 37.27 -6.48
C PHE B 304 6.19 37.48 -5.22
N PHE B 305 5.89 36.36 -4.56
CA PHE B 305 5.05 36.34 -3.40
C PHE B 305 5.64 37.07 -2.20
N THR B 306 6.87 36.80 -1.87
CA THR B 306 7.46 37.43 -0.67
C THR B 306 7.64 38.97 -0.91
N ALA B 307 7.95 39.35 -2.14
CA ALA B 307 8.08 40.78 -2.47
C ALA B 307 6.74 41.47 -2.36
N LEU B 308 5.68 40.78 -2.76
CA LEU B 308 4.34 41.33 -2.78
C LEU B 308 3.77 41.45 -1.35
N CYS B 309 4.00 40.41 -0.53
CA CYS B 309 3.64 40.45 0.89
C CYS B 309 4.31 41.63 1.60
N GLU B 310 5.60 41.84 1.36
CA GLU B 310 6.34 42.93 2.00
C GLU B 310 5.77 44.32 1.58
N LYS B 311 5.66 44.55 0.26
CA LYS B 311 5.17 45.80 -0.27
C LYS B 311 3.76 46.10 0.09
N GLU B 312 2.86 45.12 -0.06
CA GLU B 312 1.45 45.33 0.09
C GLU B 312 0.95 45.23 1.53
N LEU B 313 1.52 44.31 2.27
CA LEU B 313 1.01 43.99 3.63
C LEU B 313 1.94 44.48 4.70
N GLY B 314 3.20 44.78 4.34
CA GLY B 314 4.23 44.97 5.37
C GLY B 314 4.61 43.67 6.09
N TRP B 315 4.37 42.53 5.44
CA TRP B 315 4.65 41.19 6.01
C TRP B 315 5.99 40.65 5.50
N LYS B 316 7.04 40.82 6.30
CA LYS B 316 8.36 40.43 5.89
C LYS B 316 8.55 38.92 6.16
N MET B 317 9.02 38.18 5.17
CA MET B 317 9.18 36.71 5.25
C MET B 317 10.59 36.39 4.79
N GLU B 318 11.24 35.46 5.48
CA GLU B 318 12.50 34.94 5.04
C GLU B 318 12.25 34.08 3.82
N LYS B 319 13.10 34.18 2.80
CA LYS B 319 12.98 33.31 1.64
C LYS B 319 13.54 31.92 2.02
N PRO B 320 12.78 30.85 1.74
CA PRO B 320 13.28 29.51 2.07
C PRO B 320 14.54 29.15 1.32
N LYS B 321 15.40 28.33 1.95
CA LYS B 321 16.54 27.78 1.23
C LYS B 321 16.18 26.62 0.32
N GLY B 322 15.10 25.96 0.63
CA GLY B 322 14.65 24.79 -0.18
C GLY B 322 13.18 24.56 0.04
N THR B 323 12.62 23.58 -0.66
CA THR B 323 11.17 23.31 -0.72
C THR B 323 10.34 24.44 -1.38
N PHE B 324 9.05 24.23 -1.52
CA PHE B 324 8.15 25.26 -2.03
C PHE B 324 7.30 25.88 -0.95
N TYR B 325 7.80 25.84 0.28
CA TYR B 325 7.07 26.39 1.43
C TYR B 325 7.72 27.70 1.91
N VAL B 326 6.90 28.66 2.30
CA VAL B 326 7.36 29.86 3.00
C VAL B 326 6.89 29.74 4.45
N TRP B 327 7.82 29.86 5.39
CA TRP B 327 7.54 29.74 6.85
C TRP B 327 7.49 31.16 7.42
N ALA B 328 6.28 31.66 7.69
CA ALA B 328 6.04 33.08 7.96
C ALA B 328 5.60 33.31 9.40
N GLU B 329 6.20 34.30 10.06
CA GLU B 329 5.79 34.64 11.44
C GLU B 329 4.40 35.26 11.45
N ILE B 330 3.60 34.91 12.45
CA ILE B 330 2.26 35.48 12.59
C ILE B 330 2.37 36.87 13.29
N PRO B 331 1.36 37.74 13.15
CA PRO B 331 1.43 39.06 13.81
C PRO B 331 1.41 38.90 15.33
N ASN B 332 2.21 39.69 16.03
CA ASN B 332 2.31 39.49 17.50
C ASN B 332 1.04 39.85 18.27
N THR B 333 0.02 40.35 17.56
CA THR B 333 -1.29 40.56 18.14
C THR B 333 -2.10 39.28 18.22
N PHE B 334 -1.60 38.20 17.62
CA PHE B 334 -2.20 36.88 17.72
C PHE B 334 -1.31 36.05 18.63
N GLU B 335 -1.93 35.26 19.48
CA GLU B 335 -1.16 34.41 20.40
C GLU B 335 -0.66 33.09 19.76
N THR B 336 -1.51 32.44 18.97
CA THR B 336 -1.13 31.19 18.32
C THR B 336 -1.43 31.15 16.84
N SER B 337 -0.83 30.17 16.17
CA SER B 337 -0.98 30.02 14.73
C SER B 337 -2.35 29.60 14.34
N HIS B 338 -3.00 28.76 15.16
CA HIS B 338 -4.36 28.29 14.86
C HIS B 338 -5.35 29.45 14.88
N GLN B 339 -5.11 30.42 15.77
CA GLN B 339 -5.96 31.61 15.91
C GLN B 339 -5.78 32.54 14.64
N PHE B 340 -4.53 32.72 14.23
CA PHE B 340 -4.23 33.51 13.02
C PHE B 340 -4.75 32.86 11.73
N SER B 341 -4.50 31.55 11.56
CA SER B 341 -4.99 30.82 10.37
C SER B 341 -6.51 30.79 10.35
N ASP B 342 -7.13 30.65 11.49
CA ASP B 342 -8.61 30.74 11.56
C ASP B 342 -9.15 32.15 11.19
N TYR B 343 -8.46 33.19 11.65
CA TYR B 343 -8.81 34.57 11.34
C TYR B 343 -8.68 34.87 9.83
N LEU B 344 -7.65 34.30 9.18
CA LEU B 344 -7.44 34.52 7.75
C LEU B 344 -8.44 33.76 6.94
N LEU B 345 -8.83 32.54 7.42
CA LEU B 345 -9.84 31.78 6.77
C LEU B 345 -11.23 32.46 6.88
N GLU B 346 -11.59 32.93 8.06
CA GLU B 346 -12.89 33.52 8.28
C GLU B 346 -13.05 34.87 7.56
N HIS B 347 -12.04 35.71 7.64
CA HIS B 347 -12.15 37.11 7.18
C HIS B 347 -11.59 37.37 5.77
N ALA B 348 -10.77 36.46 5.26
CA ALA B 348 -10.20 36.63 3.91
C ALA B 348 -10.49 35.46 3.00
N HIS B 349 -11.13 34.41 3.55
CA HIS B 349 -11.31 33.17 2.82
C HIS B 349 -10.05 32.64 2.15
N VAL B 350 -8.94 32.65 2.88
CA VAL B 350 -7.69 32.00 2.41
C VAL B 350 -7.23 30.94 3.42
N VAL B 351 -6.50 29.93 2.94
CA VAL B 351 -5.96 28.88 3.77
C VAL B 351 -4.46 28.92 3.80
N VAL B 352 -3.93 29.08 5.00
CA VAL B 352 -2.51 28.78 5.31
C VAL B 352 -2.46 27.63 6.36
N THR B 353 -1.34 26.94 6.48
CA THR B 353 -1.25 25.86 7.44
C THR B 353 -0.73 26.42 8.76
N PRO B 354 -1.47 26.22 9.86
CA PRO B 354 -0.95 26.74 11.12
C PRO B 354 0.25 25.94 11.55
N GLY B 355 1.29 26.64 11.99
CA GLY B 355 2.55 26.04 12.28
C GLY B 355 2.48 24.99 13.36
N GLU B 356 1.53 25.11 14.25
CA GLU B 356 1.44 24.15 15.35
C GLU B 356 0.96 22.78 14.95
N ILE B 357 0.47 22.61 13.72
CA ILE B 357 0.22 21.26 13.34
C ILE B 357 1.52 20.46 13.14
N PHE B 358 2.63 21.18 12.99
CA PHE B 358 3.96 20.55 12.93
C PHE B 358 4.61 20.35 14.29
N GLY B 359 3.96 20.82 15.36
CA GLY B 359 4.48 20.65 16.73
C GLY B 359 4.52 21.99 17.44
N SER B 360 4.80 21.95 18.73
CA SER B 360 4.74 23.16 19.57
C SER B 360 5.72 24.27 19.12
N ASN B 361 6.83 23.90 18.52
CA ASN B 361 7.77 24.88 18.03
C ASN B 361 7.35 25.63 16.79
N GLY B 362 6.19 25.29 16.25
CA GLY B 362 5.58 26.02 15.17
C GLY B 362 4.47 26.98 15.53
N LYS B 363 4.22 27.17 16.84
CA LYS B 363 3.04 27.92 17.29
C LYS B 363 2.97 29.40 16.86
N ARG B 364 4.09 30.03 16.51
CA ARG B 364 4.06 31.41 16.07
C ARG B 364 4.38 31.61 14.56
N HIS B 365 4.23 30.56 13.79
CA HIS B 365 4.41 30.64 12.32
C HIS B 365 3.25 30.00 11.62
N VAL B 366 3.12 30.29 10.32
CA VAL B 366 2.24 29.58 9.44
C VAL B 366 3.09 29.09 8.26
N ARG B 367 2.69 27.97 7.66
CA ARG B 367 3.32 27.46 6.43
C ARG B 367 2.47 27.84 5.21
N ILE B 368 3.12 28.36 4.19
CA ILE B 368 2.41 28.91 3.04
C ILE B 368 3.03 28.29 1.80
N SER B 369 2.23 27.64 0.98
CA SER B 369 2.85 26.83 -0.08
C SER B 369 2.73 27.54 -1.39
N MET B 370 3.74 27.37 -2.20
CA MET B 370 3.83 28.11 -3.46
C MET B 370 3.43 27.18 -4.63
N VAL B 371 2.51 26.27 -4.38
CA VAL B 371 1.95 25.39 -5.44
C VAL B 371 0.61 25.95 -5.94
N SER B 372 0.60 27.24 -6.25
CA SER B 372 -0.53 27.87 -6.83
C SER B 372 -0.05 28.89 -7.88
N LYS B 373 -0.94 29.14 -8.83
CA LYS B 373 -0.59 30.03 -9.97
C LYS B 373 -0.40 31.49 -9.50
N GLN B 374 0.36 32.27 -10.27
CA GLN B 374 0.65 33.68 -9.93
C GLN B 374 -0.55 34.50 -9.44
N GLU B 375 -1.65 34.44 -10.18
CA GLU B 375 -2.82 35.26 -9.85
C GLU B 375 -3.56 34.80 -8.57
N ASP B 376 -3.45 33.53 -8.24
CA ASP B 376 -3.93 33.04 -6.94
C ASP B 376 -3.03 33.58 -5.80
N LEU B 377 -1.73 33.61 -6.05
CA LEU B 377 -0.81 34.22 -5.10
C LEU B 377 -1.15 35.72 -4.92
N ARG B 378 -1.49 36.38 -6.02
CA ARG B 378 -1.81 37.79 -5.94
C ARG B 378 -3.09 38.04 -5.21
N GLU B 379 -4.10 37.26 -5.51
CA GLU B 379 -5.42 37.41 -4.91
C GLU B 379 -5.39 37.11 -3.36
N PHE B 380 -4.55 36.16 -2.95
CA PHE B 380 -4.27 35.92 -1.52
C PHE B 380 -3.82 37.23 -0.83
N VAL B 381 -2.86 37.92 -1.44
CA VAL B 381 -2.37 39.16 -0.87
C VAL B 381 -3.45 40.27 -0.93
N THR B 382 -4.14 40.37 -2.05
CA THR B 382 -5.24 41.35 -2.19
C THR B 382 -6.31 41.23 -1.11
N ARG B 383 -6.67 40.00 -0.80
CA ARG B 383 -7.70 39.76 0.21
C ARG B 383 -7.24 40.08 1.61
N ILE B 384 -5.99 39.75 1.92
CA ILE B 384 -5.46 39.96 3.23
C ILE B 384 -5.23 41.44 3.50
N GLN B 385 -4.89 42.19 2.45
CA GLN B 385 -4.71 43.62 2.56
C GLN B 385 -5.92 44.32 3.19
N LYS B 386 -7.12 43.88 2.84
CA LYS B 386 -8.34 44.47 3.37
C LYS B 386 -8.45 44.32 4.89
N LEU B 387 -7.78 43.32 5.47
CA LEU B 387 -7.87 43.04 6.91
C LEU B 387 -7.13 44.06 7.75
N ASN B 388 -6.14 44.70 7.17
CA ASN B 388 -5.34 45.71 7.84
C ASN B 388 -4.63 45.18 9.11
N LEU B 389 -4.13 43.96 9.04
CA LEU B 389 -3.38 43.38 10.15
C LEU B 389 -2.01 44.04 10.37
N PRO B 390 -1.56 44.15 11.64
CA PRO B 390 -0.27 44.77 11.95
C PRO B 390 0.92 43.87 11.71
N PHE B 391 1.11 43.41 10.46
CA PHE B 391 2.33 42.69 10.11
C PHE B 391 3.60 43.52 10.33
N GLY B 392 3.49 44.85 10.22
CA GLY B 392 4.66 45.72 10.42
C GLY B 392 5.27 45.75 11.84
N SER B 393 4.48 45.43 12.86
CA SER B 393 4.91 45.53 14.28
C SER B 393 5.96 44.50 14.68
#